data_2EMV
#
_entry.id   2EMV
#
loop_
_entity.id
_entity.type
_entity.pdbx_description
1 polymer 'Zinc finger protein 268'
2 non-polymer 'ZINC ION'
#
_entity_poly.entity_id   1
_entity_poly.type   'polypeptide(L)'
_entity_poly.pdbx_seq_one_letter_code
;GSSGSSGTREKPYECSECGKAFIRNSQLIVHQRTHSGESGPSSG
;
_entity_poly.pdbx_strand_id   A
#
# COMPACT_ATOMS: atom_id res chain seq x y z
N GLY A 1 -5.38 -17.19 3.06
CA GLY A 1 -6.00 -16.89 1.77
C GLY A 1 -7.34 -17.57 1.59
N SER A 2 -8.35 -17.05 2.26
CA SER A 2 -9.70 -17.61 2.17
C SER A 2 -10.01 -18.06 0.76
N SER A 3 -10.91 -19.03 0.62
CA SER A 3 -11.30 -19.55 -0.69
C SER A 3 -11.69 -18.41 -1.62
N GLY A 4 -10.93 -18.25 -2.70
CA GLY A 4 -11.22 -17.20 -3.67
C GLY A 4 -9.96 -16.60 -4.26
N SER A 5 -8.97 -16.35 -3.40
CA SER A 5 -7.71 -15.77 -3.85
C SER A 5 -7.94 -14.69 -4.90
N SER A 6 -8.92 -13.82 -4.64
CA SER A 6 -9.25 -12.75 -5.57
C SER A 6 -8.29 -11.58 -5.41
N GLY A 7 -7.15 -11.67 -6.09
CA GLY A 7 -6.16 -10.61 -6.01
C GLY A 7 -5.52 -10.31 -7.36
N THR A 8 -5.81 -9.12 -7.89
CA THR A 8 -5.26 -8.71 -9.18
C THR A 8 -4.57 -7.36 -9.08
N ARG A 9 -3.29 -7.34 -9.42
CA ARG A 9 -2.50 -6.11 -9.36
C ARG A 9 -2.76 -5.25 -10.60
N GLU A 10 -3.91 -4.59 -10.63
CA GLU A 10 -4.27 -3.74 -11.75
C GLU A 10 -3.41 -2.49 -11.79
N LYS A 11 -3.13 -1.94 -10.61
CA LYS A 11 -2.31 -0.74 -10.50
C LYS A 11 -0.84 -1.10 -10.31
N PRO A 12 0.05 -0.33 -10.97
CA PRO A 12 1.49 -0.55 -10.89
C PRO A 12 2.05 -0.19 -9.51
N TYR A 13 1.74 1.01 -9.04
CA TYR A 13 2.21 1.47 -7.75
C TYR A 13 1.50 0.74 -6.61
N GLU A 14 2.28 0.15 -5.72
CA GLU A 14 1.72 -0.59 -4.59
C GLU A 14 2.33 -0.10 -3.27
N CYS A 15 1.53 -0.11 -2.22
CA CYS A 15 1.98 0.33 -0.91
C CYS A 15 2.80 -0.76 -0.22
N SER A 16 4.06 -0.45 0.06
CA SER A 16 4.95 -1.41 0.71
C SER A 16 4.57 -1.60 2.17
N GLU A 17 3.57 -0.85 2.62
CA GLU A 17 3.10 -0.94 4.00
C GLU A 17 2.00 -1.98 4.13
N CYS A 18 0.92 -1.79 3.38
CA CYS A 18 -0.22 -2.71 3.42
C CYS A 18 -0.30 -3.52 2.12
N GLY A 19 -0.03 -2.86 1.00
CA GLY A 19 -0.09 -3.52 -0.28
C GLY A 19 -1.08 -2.88 -1.23
N LYS A 20 -1.60 -1.72 -0.83
CA LYS A 20 -2.56 -0.99 -1.66
C LYS A 20 -2.05 -0.85 -3.09
N ALA A 21 -2.83 -0.19 -3.93
CA ALA A 21 -2.46 0.01 -5.33
C ALA A 21 -2.80 1.43 -5.78
N PHE A 22 -2.07 1.92 -6.79
CA PHE A 22 -2.29 3.26 -7.31
C PHE A 22 -1.87 3.34 -8.78
N ILE A 23 -2.49 4.25 -9.52
CA ILE A 23 -2.17 4.44 -10.93
C ILE A 23 -0.92 5.29 -11.11
N ARG A 24 -0.78 6.31 -10.27
CA ARG A 24 0.38 7.20 -10.34
C ARG A 24 1.06 7.30 -8.98
N ASN A 25 2.39 7.34 -9.00
CA ASN A 25 3.17 7.43 -7.76
C ASN A 25 2.58 8.48 -6.82
N SER A 26 2.47 9.71 -7.30
CA SER A 26 1.93 10.79 -6.50
C SER A 26 0.74 10.31 -5.68
N GLN A 27 -0.09 9.48 -6.28
CA GLN A 27 -1.28 8.96 -5.60
C GLN A 27 -0.88 8.06 -4.43
N LEU A 28 0.05 7.15 -4.68
CA LEU A 28 0.53 6.23 -3.65
C LEU A 28 1.12 7.00 -2.47
N ILE A 29 2.10 7.85 -2.77
CA ILE A 29 2.75 8.65 -1.73
C ILE A 29 1.73 9.22 -0.76
N VAL A 30 0.71 9.89 -1.28
CA VAL A 30 -0.34 10.48 -0.47
C VAL A 30 -0.87 9.47 0.55
N HIS A 31 -0.99 8.21 0.12
CA HIS A 31 -1.49 7.16 0.99
C HIS A 31 -0.42 6.71 1.97
N GLN A 32 0.84 6.96 1.63
CA GLN A 32 1.96 6.58 2.48
C GLN A 32 2.21 7.63 3.55
N ARG A 33 1.75 8.85 3.31
CA ARG A 33 1.92 9.94 4.26
C ARG A 33 1.45 9.52 5.66
N THR A 34 0.34 8.79 5.71
CA THR A 34 -0.21 8.33 6.98
C THR A 34 0.60 7.17 7.53
N HIS A 35 1.04 6.28 6.65
CA HIS A 35 1.82 5.11 7.06
C HIS A 35 3.15 5.56 7.68
N SER A 36 3.74 6.60 7.12
CA SER A 36 5.02 7.12 7.61
C SER A 36 5.09 7.03 9.13
N GLY A 37 6.23 6.59 9.64
CA GLY A 37 6.40 6.46 11.07
C GLY A 37 7.68 5.74 11.45
N GLU A 38 7.87 5.49 12.74
CA GLU A 38 9.06 4.80 13.22
C GLU A 38 8.68 3.52 13.97
N SER A 39 8.40 2.47 13.22
CA SER A 39 8.03 1.18 13.80
C SER A 39 9.19 0.19 13.73
N GLY A 40 9.19 -0.77 14.65
CA GLY A 40 10.25 -1.77 14.67
C GLY A 40 11.63 -1.16 14.67
N PRO A 41 12.14 -0.83 15.87
CA PRO A 41 13.47 -0.23 16.03
C PRO A 41 14.59 -1.21 15.70
N SER A 42 15.83 -0.72 15.75
CA SER A 42 16.99 -1.55 15.46
C SER A 42 17.07 -1.84 13.96
N SER A 43 16.79 -0.84 13.15
CA SER A 43 16.82 -1.00 11.70
C SER A 43 18.24 -0.80 11.17
N GLY A 44 18.51 -1.38 10.00
CA GLY A 44 19.83 -1.26 9.40
C GLY A 44 19.80 -0.51 8.09
N GLY A 1 -10.96 -21.58 4.04
CA GLY A 1 -11.15 -20.53 3.07
C GLY A 1 -9.84 -20.01 2.51
N SER A 2 -9.82 -18.74 2.10
CA SER A 2 -8.61 -18.14 1.53
C SER A 2 -7.80 -17.44 2.61
N SER A 3 -6.52 -17.21 2.32
CA SER A 3 -5.63 -16.55 3.28
C SER A 3 -5.83 -15.03 3.24
N GLY A 4 -5.82 -14.42 4.42
CA GLY A 4 -6.00 -12.98 4.50
C GLY A 4 -4.92 -12.22 3.77
N SER A 5 -5.17 -11.93 2.49
CA SER A 5 -4.21 -11.20 1.67
C SER A 5 -4.84 -9.94 1.09
N SER A 6 -4.04 -8.88 0.99
CA SER A 6 -4.51 -7.61 0.46
C SER A 6 -3.54 -7.05 -0.57
N GLY A 7 -4.06 -6.71 -1.75
CA GLY A 7 -3.21 -6.16 -2.80
C GLY A 7 -3.50 -6.79 -4.15
N THR A 8 -4.74 -6.68 -4.60
CA THR A 8 -5.15 -7.25 -5.88
C THR A 8 -5.83 -6.19 -6.76
N ARG A 9 -5.04 -5.49 -7.56
CA ARG A 9 -5.56 -4.46 -8.44
C ARG A 9 -4.69 -4.30 -9.68
N GLU A 10 -5.25 -3.71 -10.73
CA GLU A 10 -4.52 -3.49 -11.97
C GLU A 10 -3.69 -2.22 -11.91
N LYS A 11 -3.21 -1.89 -10.71
CA LYS A 11 -2.40 -0.69 -10.51
C LYS A 11 -0.93 -1.05 -10.41
N PRO A 12 -0.08 -0.24 -11.07
CA PRO A 12 1.38 -0.45 -11.06
C PRO A 12 2.00 -0.15 -9.70
N TYR A 13 1.68 1.02 -9.16
CA TYR A 13 2.21 1.43 -7.87
C TYR A 13 1.53 0.69 -6.73
N GLU A 14 2.32 0.20 -5.77
CA GLU A 14 1.78 -0.53 -4.64
C GLU A 14 2.44 -0.06 -3.33
N CYS A 15 1.65 -0.04 -2.26
CA CYS A 15 2.14 0.38 -0.96
C CYS A 15 2.98 -0.71 -0.31
N SER A 16 4.18 -0.35 0.13
CA SER A 16 5.08 -1.30 0.78
C SER A 16 4.73 -1.48 2.25
N GLU A 17 3.66 -0.81 2.69
CA GLU A 17 3.22 -0.90 4.07
C GLU A 17 2.07 -1.87 4.22
N CYS A 18 1.06 -1.73 3.35
CA CYS A 18 -0.11 -2.61 3.38
C CYS A 18 -0.22 -3.41 2.09
N GLY A 19 0.15 -2.79 0.98
CA GLY A 19 0.08 -3.47 -0.31
C GLY A 19 -0.94 -2.83 -1.24
N LYS A 20 -1.44 -1.67 -0.87
CA LYS A 20 -2.43 -0.96 -1.68
C LYS A 20 -1.97 -0.85 -3.12
N ALA A 21 -2.77 -0.19 -3.95
CA ALA A 21 -2.43 -0.01 -5.36
C ALA A 21 -2.88 1.36 -5.86
N PHE A 22 -2.11 1.93 -6.77
CA PHE A 22 -2.43 3.25 -7.34
C PHE A 22 -2.02 3.32 -8.80
N ILE A 23 -2.59 4.29 -9.51
CA ILE A 23 -2.28 4.47 -10.93
C ILE A 23 -1.04 5.33 -11.11
N ARG A 24 -0.90 6.36 -10.28
CA ARG A 24 0.24 7.25 -10.36
C ARG A 24 0.97 7.32 -9.01
N ASN A 25 2.29 7.34 -9.07
CA ASN A 25 3.11 7.40 -7.86
C ASN A 25 2.58 8.45 -6.90
N SER A 26 2.44 9.68 -7.39
CA SER A 26 1.94 10.78 -6.57
C SER A 26 0.74 10.35 -5.75
N GLN A 27 -0.08 9.46 -6.32
CA GLN A 27 -1.26 8.96 -5.64
C GLN A 27 -0.88 8.10 -4.44
N LEU A 28 0.03 7.15 -4.66
CA LEU A 28 0.47 6.27 -3.60
C LEU A 28 1.12 7.05 -2.46
N ILE A 29 2.16 7.82 -2.79
CA ILE A 29 2.85 8.63 -1.79
C ILE A 29 1.88 9.22 -0.78
N VAL A 30 0.81 9.84 -1.28
CA VAL A 30 -0.20 10.43 -0.41
C VAL A 30 -0.75 9.42 0.59
N HIS A 31 -0.93 8.19 0.12
CA HIS A 31 -1.45 7.12 0.98
C HIS A 31 -0.38 6.67 1.99
N GLN A 32 0.88 6.96 1.68
CA GLN A 32 1.98 6.59 2.55
C GLN A 32 2.17 7.61 3.66
N ARG A 33 1.76 8.84 3.39
CA ARG A 33 1.89 9.92 4.38
C ARG A 33 1.38 9.48 5.75
N THR A 34 0.24 8.80 5.76
CA THR A 34 -0.36 8.32 7.00
C THR A 34 0.49 7.19 7.60
N HIS A 35 1.02 6.34 6.75
CA HIS A 35 1.85 5.22 7.21
C HIS A 35 3.12 5.73 7.89
N SER A 36 3.70 6.79 7.34
CA SER A 36 4.92 7.38 7.89
C SER A 36 4.91 7.29 9.42
N GLY A 37 3.80 7.70 10.02
CA GLY A 37 3.68 7.67 11.47
C GLY A 37 4.08 6.33 12.05
N GLU A 38 3.10 5.45 12.24
CA GLU A 38 3.36 4.13 12.80
C GLU A 38 4.19 3.28 11.84
N SER A 39 4.85 2.26 12.38
CA SER A 39 5.68 1.38 11.57
C SER A 39 6.09 0.15 12.37
N GLY A 40 6.55 -0.88 11.65
CA GLY A 40 6.97 -2.11 12.31
C GLY A 40 7.70 -3.04 11.37
N PRO A 41 7.81 -4.32 11.76
CA PRO A 41 8.50 -5.34 10.96
C PRO A 41 7.73 -5.69 9.70
N SER A 42 8.44 -6.22 8.70
CA SER A 42 7.83 -6.60 7.44
C SER A 42 6.90 -7.80 7.62
N SER A 43 5.61 -7.56 7.51
CA SER A 43 4.61 -8.62 7.67
C SER A 43 4.07 -9.05 6.31
N GLY A 44 3.72 -8.07 5.47
CA GLY A 44 3.19 -8.38 4.16
C GLY A 44 2.23 -7.31 3.66
N GLY A 1 -8.54 -24.67 -2.25
CA GLY A 1 -7.82 -23.43 -2.01
C GLY A 1 -8.54 -22.53 -1.03
N SER A 2 -8.72 -23.00 0.19
CA SER A 2 -9.41 -22.22 1.22
C SER A 2 -8.43 -21.29 1.94
N SER A 3 -7.31 -21.84 2.37
CA SER A 3 -6.30 -21.06 3.07
C SER A 3 -5.72 -19.98 2.17
N GLY A 4 -5.97 -18.72 2.52
CA GLY A 4 -5.47 -17.61 1.73
C GLY A 4 -6.30 -17.37 0.49
N SER A 5 -6.86 -16.16 0.39
CA SER A 5 -7.70 -15.80 -0.75
C SER A 5 -7.25 -14.48 -1.36
N SER A 6 -5.93 -14.30 -1.48
CA SER A 6 -5.37 -13.08 -2.03
C SER A 6 -5.67 -12.97 -3.52
N GLY A 7 -5.32 -11.84 -4.11
CA GLY A 7 -5.56 -11.62 -5.52
C GLY A 7 -4.43 -10.87 -6.20
N THR A 8 -4.74 -10.20 -7.30
CA THR A 8 -3.74 -9.43 -8.04
C THR A 8 -4.22 -8.01 -8.30
N ARG A 9 -3.43 -7.03 -7.88
CA ARG A 9 -3.78 -5.63 -8.07
C ARG A 9 -3.42 -5.17 -9.48
N GLU A 10 -4.40 -4.58 -10.17
CA GLU A 10 -4.19 -4.09 -11.53
C GLU A 10 -3.60 -2.69 -11.52
N LYS A 11 -2.62 -2.46 -10.65
CA LYS A 11 -1.97 -1.16 -10.54
C LYS A 11 -0.46 -1.31 -10.38
N PRO A 12 0.29 -0.45 -11.06
CA PRO A 12 1.76 -0.46 -11.01
C PRO A 12 2.29 -0.03 -9.65
N TYR A 13 1.69 1.03 -9.10
CA TYR A 13 2.12 1.56 -7.80
C TYR A 13 1.47 0.79 -6.67
N GLU A 14 2.28 0.27 -5.76
CA GLU A 14 1.78 -0.49 -4.62
C GLU A 14 2.47 -0.05 -3.33
N CYS A 15 1.71 -0.01 -2.24
CA CYS A 15 2.24 0.39 -0.94
C CYS A 15 3.19 -0.66 -0.39
N SER A 16 4.41 -0.24 -0.07
CA SER A 16 5.41 -1.15 0.47
C SER A 16 5.21 -1.37 1.97
N GLU A 17 4.02 -1.02 2.45
CA GLU A 17 3.70 -1.18 3.86
C GLU A 17 2.57 -2.18 4.06
N CYS A 18 1.47 -1.99 3.32
CA CYS A 18 0.32 -2.87 3.43
C CYS A 18 0.14 -3.66 2.12
N GLY A 19 0.31 -2.99 1.00
CA GLY A 19 0.16 -3.63 -0.29
C GLY A 19 -0.85 -2.93 -1.18
N LYS A 20 -1.31 -1.75 -0.74
CA LYS A 20 -2.27 -0.98 -1.50
C LYS A 20 -1.86 -0.87 -2.97
N ALA A 21 -2.70 -0.23 -3.77
CA ALA A 21 -2.42 -0.05 -5.19
C ALA A 21 -2.87 1.32 -5.67
N PHE A 22 -2.17 1.86 -6.66
CA PHE A 22 -2.49 3.18 -7.21
C PHE A 22 -2.17 3.23 -8.70
N ILE A 23 -2.69 4.25 -9.38
CA ILE A 23 -2.46 4.43 -10.80
C ILE A 23 -1.26 5.35 -11.05
N ARG A 24 -1.12 6.36 -10.21
CA ARG A 24 -0.02 7.32 -10.35
C ARG A 24 0.80 7.39 -9.06
N ASN A 25 2.11 7.41 -9.20
CA ASN A 25 3.00 7.47 -8.03
C ASN A 25 2.48 8.46 -7.01
N SER A 26 2.30 9.71 -7.43
CA SER A 26 1.81 10.76 -6.54
C SER A 26 0.67 10.23 -5.66
N GLN A 27 -0.23 9.48 -6.28
CA GLN A 27 -1.37 8.92 -5.55
C GLN A 27 -0.90 8.03 -4.40
N LEU A 28 0.11 7.21 -4.67
CA LEU A 28 0.65 6.31 -3.67
C LEU A 28 1.33 7.09 -2.55
N ILE A 29 2.24 7.98 -2.93
CA ILE A 29 2.96 8.80 -1.96
C ILE A 29 2.02 9.35 -0.89
N VAL A 30 0.95 10.00 -1.32
CA VAL A 30 -0.03 10.57 -0.40
C VAL A 30 -0.49 9.53 0.62
N HIS A 31 -0.69 8.30 0.15
CA HIS A 31 -1.14 7.22 1.00
C HIS A 31 -0.06 6.87 2.03
N GLN A 32 1.19 6.85 1.60
CA GLN A 32 2.30 6.53 2.47
C GLN A 32 2.37 7.49 3.65
N ARG A 33 1.94 8.73 3.42
CA ARG A 33 1.94 9.75 4.46
C ARG A 33 1.19 9.28 5.69
N THR A 34 0.08 8.56 5.46
CA THR A 34 -0.74 8.05 6.55
C THR A 34 0.04 7.04 7.40
N HIS A 35 0.84 6.22 6.73
CA HIS A 35 1.64 5.21 7.43
C HIS A 35 2.70 5.86 8.31
N SER A 36 3.32 6.92 7.79
CA SER A 36 4.35 7.63 8.52
C SER A 36 3.75 8.40 9.70
N GLY A 37 4.52 8.52 10.78
CA GLY A 37 4.06 9.25 11.94
C GLY A 37 4.01 8.37 13.19
N GLU A 38 4.17 8.99 14.35
CA GLU A 38 4.15 8.26 15.61
C GLU A 38 5.23 7.18 15.63
N SER A 39 6.42 7.54 15.14
CA SER A 39 7.53 6.60 15.10
C SER A 39 8.28 6.59 16.43
N GLY A 40 8.79 5.43 16.81
CA GLY A 40 9.51 5.31 18.06
C GLY A 40 10.01 3.90 18.32
N PRO A 41 9.19 3.09 19.02
CA PRO A 41 9.53 1.71 19.34
C PRO A 41 9.52 0.81 18.11
N SER A 42 9.91 -0.45 18.30
CA SER A 42 9.95 -1.41 17.20
C SER A 42 8.79 -1.17 16.23
N SER A 43 9.11 -1.15 14.94
CA SER A 43 8.08 -0.94 13.92
C SER A 43 6.77 -1.61 14.30
N GLY A 44 5.67 -1.02 13.87
CA GLY A 44 4.36 -1.57 14.18
C GLY A 44 4.34 -3.09 14.10
N GLY A 1 -18.15 -22.60 -16.05
CA GLY A 1 -18.01 -21.24 -15.55
C GLY A 1 -18.11 -21.15 -14.05
N SER A 2 -17.16 -20.46 -13.43
CA SER A 2 -17.15 -20.30 -11.98
C SER A 2 -16.47 -19.00 -11.58
N SER A 3 -17.22 -18.14 -10.91
CA SER A 3 -16.69 -16.84 -10.47
C SER A 3 -15.74 -17.03 -9.29
N GLY A 4 -14.44 -16.98 -9.57
CA GLY A 4 -13.45 -17.14 -8.53
C GLY A 4 -13.54 -16.05 -7.46
N SER A 5 -12.42 -15.38 -7.20
CA SER A 5 -12.39 -14.33 -6.20
C SER A 5 -12.43 -12.95 -6.86
N SER A 6 -11.66 -12.79 -7.93
CA SER A 6 -11.61 -11.52 -8.65
C SER A 6 -11.22 -10.38 -7.71
N GLY A 7 -10.25 -10.64 -6.86
CA GLY A 7 -9.79 -9.63 -5.92
C GLY A 7 -8.29 -9.42 -5.97
N THR A 8 -7.78 -9.13 -7.15
CA THR A 8 -6.35 -8.90 -7.33
C THR A 8 -6.06 -7.53 -7.93
N ARG A 9 -5.42 -6.67 -7.16
CA ARG A 9 -5.09 -5.32 -7.62
C ARG A 9 -4.27 -5.38 -8.90
N GLU A 10 -4.52 -4.42 -9.79
CA GLU A 10 -3.81 -4.35 -11.06
C GLU A 10 -2.89 -3.14 -11.10
N LYS A 11 -3.33 -2.04 -10.50
CA LYS A 11 -2.53 -0.81 -10.46
C LYS A 11 -1.05 -1.13 -10.37
N PRO A 12 -0.23 -0.31 -11.06
CA PRO A 12 1.22 -0.48 -11.08
C PRO A 12 1.86 -0.14 -9.74
N TYR A 13 1.52 1.04 -9.22
CA TYR A 13 2.07 1.47 -7.94
C TYR A 13 1.45 0.69 -6.78
N GLU A 14 2.30 0.29 -5.82
CA GLU A 14 1.83 -0.46 -4.67
C GLU A 14 2.47 0.06 -3.38
N CYS A 15 1.72 -0.01 -2.29
CA CYS A 15 2.20 0.47 -1.00
C CYS A 15 3.13 -0.57 -0.36
N SER A 16 4.33 -0.14 -0.01
CA SER A 16 5.32 -1.02 0.61
C SER A 16 5.07 -1.14 2.11
N GLU A 17 3.86 -0.81 2.53
CA GLU A 17 3.49 -0.87 3.94
C GLU A 17 2.39 -1.89 4.17
N CYS A 18 1.37 -1.86 3.31
CA CYS A 18 0.25 -2.79 3.41
C CYS A 18 0.09 -3.60 2.14
N GLY A 19 0.31 -2.96 1.00
CA GLY A 19 0.19 -3.63 -0.28
C GLY A 19 -0.82 -2.98 -1.20
N LYS A 20 -1.34 -1.83 -0.76
CA LYS A 20 -2.33 -1.10 -1.55
C LYS A 20 -1.85 -0.91 -2.99
N ALA A 21 -2.70 -0.31 -3.82
CA ALA A 21 -2.37 -0.07 -5.21
C ALA A 21 -2.78 1.33 -5.65
N PHE A 22 -2.06 1.89 -6.61
CA PHE A 22 -2.35 3.23 -7.11
C PHE A 22 -2.04 3.33 -8.60
N ILE A 23 -2.73 4.25 -9.28
CA ILE A 23 -2.53 4.44 -10.71
C ILE A 23 -1.28 5.27 -10.98
N ARG A 24 -1.08 6.30 -10.16
CA ARG A 24 0.08 7.18 -10.31
C ARG A 24 0.86 7.28 -8.99
N ASN A 25 2.18 7.36 -9.10
CA ASN A 25 3.03 7.47 -7.92
C ASN A 25 2.48 8.50 -6.94
N SER A 26 2.34 9.73 -7.40
CA SER A 26 1.83 10.81 -6.56
C SER A 26 0.66 10.32 -5.70
N GLN A 27 -0.18 9.46 -6.28
CA GLN A 27 -1.33 8.92 -5.58
C GLN A 27 -0.89 8.03 -4.41
N LEU A 28 0.06 7.14 -4.68
CA LEU A 28 0.56 6.24 -3.66
C LEU A 28 1.22 7.01 -2.52
N ILE A 29 2.21 7.83 -2.87
CA ILE A 29 2.92 8.63 -1.88
C ILE A 29 1.96 9.24 -0.87
N VAL A 30 0.93 9.93 -1.37
CA VAL A 30 -0.06 10.55 -0.52
C VAL A 30 -0.57 9.59 0.54
N HIS A 31 -0.75 8.33 0.15
CA HIS A 31 -1.23 7.31 1.07
C HIS A 31 -0.15 6.94 2.08
N GLN A 32 1.09 6.86 1.63
CA GLN A 32 2.22 6.53 2.50
C GLN A 32 2.31 7.50 3.66
N ARG A 33 1.92 8.75 3.42
CA ARG A 33 1.97 9.79 4.45
C ARG A 33 1.25 9.33 5.70
N THR A 34 0.13 8.63 5.53
CA THR A 34 -0.66 8.14 6.65
C THR A 34 0.12 7.09 7.44
N HIS A 35 0.87 6.26 6.73
CA HIS A 35 1.66 5.20 7.37
C HIS A 35 2.78 5.81 8.20
N SER A 36 3.42 6.84 7.67
CA SER A 36 4.51 7.51 8.37
C SER A 36 4.04 8.09 9.70
N GLY A 37 4.33 7.38 10.79
CA GLY A 37 3.94 7.84 12.10
C GLY A 37 5.09 8.44 12.89
N GLU A 38 5.49 9.64 12.51
CA GLU A 38 6.59 10.33 13.18
C GLU A 38 6.08 11.15 14.36
N SER A 39 5.75 10.46 15.45
CA SER A 39 5.26 11.12 16.65
C SER A 39 6.23 10.97 17.81
N GLY A 40 7.27 11.78 17.82
CA GLY A 40 8.27 11.71 18.88
C GLY A 40 9.03 10.40 18.87
N PRO A 41 10.19 10.38 19.55
CA PRO A 41 11.04 9.19 19.63
C PRO A 41 10.42 8.09 20.48
N SER A 42 9.40 8.46 21.26
CA SER A 42 8.72 7.50 22.13
C SER A 42 7.40 8.07 22.63
N SER A 43 6.51 7.18 23.08
CA SER A 43 5.21 7.59 23.59
C SER A 43 4.98 7.04 24.99
N GLY A 44 4.97 7.94 25.97
CA GLY A 44 4.75 7.54 27.35
C GLY A 44 5.37 8.51 28.34
N GLY A 1 -15.53 -22.72 -1.49
CA GLY A 1 -15.87 -21.68 -0.54
C GLY A 1 -15.22 -20.35 -0.86
N SER A 2 -14.17 -20.01 -0.12
CA SER A 2 -13.46 -18.75 -0.33
C SER A 2 -12.75 -18.76 -1.69
N SER A 3 -11.92 -19.77 -1.91
CA SER A 3 -11.19 -19.88 -3.17
C SER A 3 -10.60 -18.53 -3.57
N GLY A 4 -10.06 -17.81 -2.61
CA GLY A 4 -9.48 -16.51 -2.88
C GLY A 4 -8.12 -16.62 -3.54
N SER A 5 -7.15 -15.84 -3.05
CA SER A 5 -5.80 -15.84 -3.58
C SER A 5 -5.83 -15.86 -5.11
N SER A 6 -6.72 -15.08 -5.69
CA SER A 6 -6.86 -15.01 -7.15
C SER A 6 -7.17 -13.59 -7.60
N GLY A 7 -6.40 -13.10 -8.58
CA GLY A 7 -6.60 -11.77 -9.08
C GLY A 7 -5.31 -10.99 -9.23
N THR A 8 -4.78 -10.94 -10.44
CA THR A 8 -3.54 -10.24 -10.70
C THR A 8 -3.65 -8.76 -10.35
N ARG A 9 -2.51 -8.13 -10.10
CA ARG A 9 -2.49 -6.71 -9.75
C ARG A 9 -2.56 -5.84 -11.00
N GLU A 10 -3.50 -4.90 -11.00
CA GLU A 10 -3.68 -4.00 -12.13
C GLU A 10 -2.89 -2.72 -11.94
N LYS A 11 -2.99 -2.14 -10.75
CA LYS A 11 -2.27 -0.90 -10.43
C LYS A 11 -0.77 -1.16 -10.30
N PRO A 12 0.04 -0.33 -10.99
CA PRO A 12 1.49 -0.45 -10.96
C PRO A 12 2.08 -0.05 -9.61
N TYR A 13 1.66 1.11 -9.11
CA TYR A 13 2.15 1.60 -7.83
C TYR A 13 1.49 0.86 -6.67
N GLU A 14 2.31 0.32 -5.78
CA GLU A 14 1.80 -0.42 -4.63
C GLU A 14 2.44 0.09 -3.34
N CYS A 15 1.66 0.10 -2.26
CA CYS A 15 2.15 0.55 -0.97
C CYS A 15 3.07 -0.48 -0.34
N SER A 16 4.31 -0.08 -0.07
CA SER A 16 5.30 -0.98 0.52
C SER A 16 5.01 -1.19 2.00
N GLU A 17 3.93 -0.57 2.49
CA GLU A 17 3.55 -0.69 3.89
C GLU A 17 2.51 -1.81 4.06
N CYS A 18 1.41 -1.70 3.33
CA CYS A 18 0.34 -2.70 3.40
C CYS A 18 0.26 -3.50 2.12
N GLY A 19 0.39 -2.82 0.98
CA GLY A 19 0.33 -3.48 -0.30
C GLY A 19 -0.72 -2.88 -1.22
N LYS A 20 -1.30 -1.76 -0.80
CA LYS A 20 -2.32 -1.09 -1.58
C LYS A 20 -1.88 -0.92 -3.03
N ALA A 21 -2.74 -0.34 -3.85
CA ALA A 21 -2.43 -0.12 -5.25
C ALA A 21 -2.92 1.25 -5.72
N PHE A 22 -2.26 1.79 -6.74
CA PHE A 22 -2.63 3.10 -7.28
C PHE A 22 -2.32 3.18 -8.76
N ILE A 23 -2.73 4.28 -9.40
CA ILE A 23 -2.51 4.48 -10.82
C ILE A 23 -1.30 5.37 -11.07
N ARG A 24 -1.17 6.43 -10.26
CA ARG A 24 -0.07 7.37 -10.38
C ARG A 24 0.73 7.43 -9.09
N ASN A 25 2.05 7.32 -9.20
CA ASN A 25 2.94 7.37 -8.04
C ASN A 25 2.42 8.39 -7.01
N SER A 26 2.20 9.61 -7.47
CA SER A 26 1.73 10.68 -6.60
C SER A 26 0.65 10.15 -5.64
N GLN A 27 -0.28 9.37 -6.18
CA GLN A 27 -1.36 8.80 -5.37
C GLN A 27 -0.79 7.94 -4.25
N LEU A 28 0.21 7.14 -4.57
CA LEU A 28 0.83 6.26 -3.58
C LEU A 28 1.53 7.07 -2.50
N ILE A 29 2.38 8.01 -2.91
CA ILE A 29 3.10 8.86 -1.98
C ILE A 29 2.16 9.45 -0.93
N VAL A 30 1.11 10.12 -1.41
CA VAL A 30 0.13 10.74 -0.52
C VAL A 30 -0.39 9.74 0.50
N HIS A 31 -0.60 8.50 0.07
CA HIS A 31 -1.09 7.45 0.95
C HIS A 31 -0.06 7.09 2.00
N GLN A 32 1.20 6.97 1.58
CA GLN A 32 2.29 6.62 2.49
C GLN A 32 2.33 7.60 3.66
N ARG A 33 1.73 8.76 3.49
CA ARG A 33 1.71 9.78 4.54
C ARG A 33 0.94 9.27 5.76
N THR A 34 -0.02 8.39 5.52
CA THR A 34 -0.82 7.84 6.61
C THR A 34 -0.02 6.84 7.43
N HIS A 35 0.91 6.15 6.79
CA HIS A 35 1.75 5.16 7.47
C HIS A 35 2.84 5.86 8.29
N SER A 36 3.41 6.91 7.73
CA SER A 36 4.46 7.66 8.41
C SER A 36 3.92 8.33 9.67
N GLY A 37 2.73 8.91 9.56
CA GLY A 37 2.12 9.57 10.70
C GLY A 37 2.38 8.86 12.01
N GLU A 38 2.27 7.53 11.98
CA GLU A 38 2.49 6.72 13.17
C GLU A 38 3.41 5.54 12.87
N SER A 39 4.40 5.32 13.73
CA SER A 39 5.34 4.23 13.56
C SER A 39 4.77 2.92 14.07
N GLY A 40 3.51 2.68 13.74
CA GLY A 40 2.85 1.45 14.18
C GLY A 40 3.67 0.21 13.87
N PRO A 41 3.15 -0.96 14.24
CA PRO A 41 3.82 -2.24 14.01
C PRO A 41 3.86 -2.62 12.54
N SER A 42 2.71 -2.53 11.88
CA SER A 42 2.60 -2.87 10.46
C SER A 42 3.54 -4.01 10.11
N SER A 43 3.58 -5.03 10.97
CA SER A 43 4.44 -6.18 10.74
C SER A 43 3.64 -7.36 10.18
N GLY A 44 4.34 -8.31 9.57
CA GLY A 44 3.68 -9.47 9.00
C GLY A 44 3.97 -10.74 9.78
N GLY A 1 -12.42 -16.43 1.17
CA GLY A 1 -13.09 -15.28 0.60
C GLY A 1 -13.94 -15.64 -0.60
N SER A 2 -13.72 -14.93 -1.70
CA SER A 2 -14.48 -15.18 -2.93
C SER A 2 -13.55 -15.27 -4.13
N SER A 3 -14.08 -15.76 -5.24
CA SER A 3 -13.30 -15.89 -6.47
C SER A 3 -12.41 -14.68 -6.70
N GLY A 4 -11.28 -14.88 -7.36
CA GLY A 4 -10.37 -13.79 -7.62
C GLY A 4 -10.57 -13.18 -9.00
N SER A 5 -11.83 -12.93 -9.35
CA SER A 5 -12.16 -12.35 -10.65
C SER A 5 -12.95 -11.06 -10.48
N SER A 6 -12.50 -10.23 -9.54
CA SER A 6 -13.17 -8.96 -9.29
C SER A 6 -12.49 -7.82 -10.05
N GLY A 7 -12.82 -7.70 -11.32
CA GLY A 7 -12.23 -6.65 -12.14
C GLY A 7 -10.72 -6.74 -12.21
N THR A 8 -10.15 -6.29 -13.32
CA THR A 8 -8.70 -6.32 -13.51
C THR A 8 -8.02 -5.19 -12.77
N ARG A 9 -7.39 -5.51 -11.65
CA ARG A 9 -6.69 -4.51 -10.85
C ARG A 9 -5.21 -4.85 -10.71
N GLU A 10 -4.42 -4.43 -11.69
CA GLU A 10 -2.98 -4.70 -11.68
C GLU A 10 -2.19 -3.40 -11.65
N LYS A 11 -2.63 -2.46 -10.81
CA LYS A 11 -1.96 -1.17 -10.68
C LYS A 11 -0.46 -1.35 -10.47
N PRO A 12 0.34 -0.49 -11.11
CA PRO A 12 1.79 -0.53 -11.00
C PRO A 12 2.29 -0.12 -9.62
N TYR A 13 1.75 0.98 -9.11
CA TYR A 13 2.14 1.49 -7.81
C TYR A 13 1.49 0.68 -6.69
N GLU A 14 2.26 0.36 -5.66
CA GLU A 14 1.74 -0.41 -4.53
C GLU A 14 2.37 0.07 -3.22
N CYS A 15 1.56 0.11 -2.17
CA CYS A 15 2.03 0.55 -0.86
C CYS A 15 2.91 -0.52 -0.21
N SER A 16 4.12 -0.14 0.15
CA SER A 16 5.06 -1.06 0.78
C SER A 16 4.73 -1.27 2.26
N GLU A 17 3.61 -0.68 2.69
CA GLU A 17 3.18 -0.79 4.08
C GLU A 17 2.07 -1.83 4.22
N CYS A 18 1.03 -1.70 3.39
CA CYS A 18 -0.10 -2.63 3.43
C CYS A 18 -0.15 -3.45 2.15
N GLY A 19 0.10 -2.80 1.02
CA GLY A 19 0.07 -3.48 -0.26
C GLY A 19 -0.94 -2.88 -1.21
N LYS A 20 -1.49 -1.74 -0.84
CA LYS A 20 -2.48 -1.05 -1.67
C LYS A 20 -1.98 -0.90 -3.10
N ALA A 21 -2.78 -0.26 -3.94
CA ALA A 21 -2.42 -0.04 -5.34
C ALA A 21 -2.81 1.35 -5.80
N PHE A 22 -2.17 1.82 -6.86
CA PHE A 22 -2.46 3.14 -7.41
C PHE A 22 -2.07 3.21 -8.88
N ILE A 23 -2.53 4.26 -9.57
CA ILE A 23 -2.23 4.45 -10.97
C ILE A 23 -1.07 5.41 -11.17
N ARG A 24 -0.96 6.38 -10.26
CA ARG A 24 0.11 7.37 -10.32
C ARG A 24 0.89 7.43 -9.00
N ASN A 25 2.20 7.47 -9.09
CA ASN A 25 3.05 7.52 -7.91
C ASN A 25 2.51 8.52 -6.90
N SER A 26 2.38 9.77 -7.32
CA SER A 26 1.87 10.83 -6.45
C SER A 26 0.70 10.33 -5.61
N GLN A 27 -0.14 9.48 -6.21
CA GLN A 27 -1.29 8.93 -5.52
C GLN A 27 -0.85 8.02 -4.37
N LEU A 28 0.10 7.15 -4.65
CA LEU A 28 0.61 6.22 -3.65
C LEU A 28 1.25 6.97 -2.48
N ILE A 29 2.21 7.83 -2.80
CA ILE A 29 2.89 8.62 -1.79
C ILE A 29 1.91 9.19 -0.78
N VAL A 30 0.88 9.86 -1.28
CA VAL A 30 -0.15 10.45 -0.42
C VAL A 30 -0.69 9.44 0.57
N HIS A 31 -0.87 8.20 0.10
CA HIS A 31 -1.38 7.13 0.95
C HIS A 31 -0.33 6.66 1.94
N GLN A 32 0.93 6.93 1.62
CA GLN A 32 2.05 6.53 2.47
C GLN A 32 2.27 7.54 3.59
N ARG A 33 1.85 8.79 3.35
CA ARG A 33 2.01 9.85 4.33
C ARG A 33 1.42 9.44 5.68
N THR A 34 0.26 8.79 5.63
CA THR A 34 -0.42 8.35 6.83
C THR A 34 0.36 7.23 7.52
N HIS A 35 0.94 6.34 6.73
CA HIS A 35 1.70 5.22 7.25
C HIS A 35 2.96 5.72 7.97
N SER A 36 3.56 6.77 7.44
CA SER A 36 4.77 7.35 8.02
C SER A 36 4.42 8.27 9.19
N GLY A 37 4.37 7.69 10.39
CA GLY A 37 4.04 8.47 11.57
C GLY A 37 4.00 7.63 12.83
N GLU A 38 3.37 6.45 12.74
CA GLU A 38 3.26 5.55 13.88
C GLU A 38 4.53 4.72 14.03
N SER A 39 5.02 4.17 12.91
CA SER A 39 6.21 3.35 12.93
C SER A 39 7.46 4.20 12.67
N GLY A 40 8.32 4.30 13.68
CA GLY A 40 9.54 5.07 13.55
C GLY A 40 10.40 5.02 14.79
N PRO A 41 11.14 6.11 15.05
CA PRO A 41 12.03 6.20 16.21
C PRO A 41 11.25 6.30 17.53
N SER A 42 9.93 6.34 17.43
CA SER A 42 9.07 6.45 18.60
C SER A 42 9.20 5.20 19.47
N SER A 43 8.90 5.35 20.76
CA SER A 43 8.99 4.25 21.70
C SER A 43 7.65 4.02 22.39
N GLY A 44 7.10 2.81 22.21
CA GLY A 44 5.82 2.48 22.82
C GLY A 44 4.64 2.88 21.94
N GLY A 1 -12.55 -17.20 10.01
CA GLY A 1 -12.60 -17.09 8.56
C GLY A 1 -11.56 -16.12 8.02
N SER A 2 -11.31 -16.20 6.71
CA SER A 2 -10.33 -15.34 6.07
C SER A 2 -11.00 -14.46 5.02
N SER A 3 -10.25 -13.47 4.52
CA SER A 3 -10.76 -12.57 3.50
C SER A 3 -9.81 -12.47 2.33
N GLY A 4 -10.34 -12.62 1.11
CA GLY A 4 -9.51 -12.54 -0.08
C GLY A 4 -9.71 -13.73 -1.00
N SER A 5 -10.97 -14.11 -1.20
CA SER A 5 -11.29 -15.25 -2.06
C SER A 5 -10.94 -14.95 -3.52
N SER A 6 -11.25 -13.73 -3.95
CA SER A 6 -10.98 -13.32 -5.32
C SER A 6 -10.92 -11.80 -5.43
N GLY A 7 -9.72 -11.27 -5.61
CA GLY A 7 -9.55 -9.83 -5.74
C GLY A 7 -8.10 -9.44 -6.02
N THR A 8 -7.88 -8.88 -7.21
CA THR A 8 -6.53 -8.46 -7.61
C THR A 8 -6.59 -7.14 -8.36
N ARG A 9 -5.63 -6.26 -8.05
CA ARG A 9 -5.56 -4.96 -8.70
C ARG A 9 -4.45 -4.93 -9.75
N GLU A 10 -4.61 -4.07 -10.75
CA GLU A 10 -3.62 -3.95 -11.81
C GLU A 10 -2.66 -2.79 -11.54
N LYS A 11 -3.15 -1.79 -10.80
CA LYS A 11 -2.33 -0.62 -10.47
C LYS A 11 -0.87 -1.02 -10.27
N PRO A 12 0.03 -0.28 -10.94
CA PRO A 12 1.47 -0.54 -10.85
C PRO A 12 2.04 -0.18 -9.48
N TYR A 13 1.72 1.03 -9.02
CA TYR A 13 2.20 1.49 -7.72
C TYR A 13 1.50 0.76 -6.58
N GLU A 14 2.29 0.19 -5.67
CA GLU A 14 1.74 -0.53 -4.53
C GLU A 14 2.39 -0.06 -3.23
N CYS A 15 1.60 -0.04 -2.17
CA CYS A 15 2.08 0.38 -0.86
C CYS A 15 2.95 -0.70 -0.22
N SER A 16 4.20 -0.36 0.05
CA SER A 16 5.13 -1.31 0.67
C SER A 16 4.82 -1.50 2.14
N GLU A 17 3.74 -0.87 2.60
CA GLU A 17 3.33 -0.96 4.00
C GLU A 17 2.22 -2.00 4.17
N CYS A 18 1.15 -1.85 3.38
CA CYS A 18 0.03 -2.76 3.44
C CYS A 18 -0.10 -3.56 2.15
N GLY A 19 0.13 -2.90 1.02
CA GLY A 19 0.03 -3.56 -0.27
C GLY A 19 -0.97 -2.91 -1.18
N LYS A 20 -1.47 -1.74 -0.78
CA LYS A 20 -2.45 -1.00 -1.58
C LYS A 20 -1.98 -0.87 -3.03
N ALA A 21 -2.78 -0.21 -3.84
CA ALA A 21 -2.45 -0.01 -5.24
C ALA A 21 -2.85 1.39 -5.71
N PHE A 22 -2.14 1.89 -6.72
CA PHE A 22 -2.41 3.23 -7.25
C PHE A 22 -2.07 3.30 -8.74
N ILE A 23 -2.61 4.29 -9.42
CA ILE A 23 -2.37 4.47 -10.85
C ILE A 23 -1.17 5.38 -11.08
N ARG A 24 -1.04 6.41 -10.24
CA ARG A 24 0.07 7.35 -10.36
C ARG A 24 0.84 7.46 -9.05
N ASN A 25 2.17 7.42 -9.14
CA ASN A 25 3.02 7.50 -7.96
C ASN A 25 2.47 8.51 -6.96
N SER A 26 2.32 9.75 -7.41
CA SER A 26 1.80 10.82 -6.56
C SER A 26 0.65 10.31 -5.69
N GLN A 27 -0.20 9.48 -6.27
CA GLN A 27 -1.33 8.91 -5.55
C GLN A 27 -0.87 8.02 -4.40
N LEU A 28 0.11 7.18 -4.68
CA LEU A 28 0.65 6.27 -3.68
C LEU A 28 1.30 7.04 -2.53
N ILE A 29 2.22 7.93 -2.86
CA ILE A 29 2.91 8.74 -1.86
C ILE A 29 1.92 9.32 -0.85
N VAL A 30 0.88 9.97 -1.36
CA VAL A 30 -0.13 10.56 -0.50
C VAL A 30 -0.64 9.56 0.54
N HIS A 31 -0.76 8.30 0.13
CA HIS A 31 -1.22 7.26 1.03
C HIS A 31 -0.15 6.90 2.06
N GLN A 32 1.10 6.84 1.60
CA GLN A 32 2.22 6.52 2.46
C GLN A 32 2.31 7.50 3.63
N ARG A 33 1.92 8.74 3.38
CA ARG A 33 1.96 9.78 4.40
C ARG A 33 1.21 9.33 5.65
N THR A 34 0.17 8.54 5.46
CA THR A 34 -0.63 8.04 6.58
C THR A 34 0.15 7.02 7.40
N HIS A 35 0.94 6.20 6.72
CA HIS A 35 1.74 5.18 7.39
C HIS A 35 2.90 5.82 8.15
N SER A 36 3.50 6.83 7.55
CA SER A 36 4.63 7.52 8.18
C SER A 36 4.22 8.12 9.52
N GLY A 37 5.15 8.09 10.47
CA GLY A 37 4.87 8.65 11.79
C GLY A 37 4.44 7.59 12.78
N GLU A 38 3.41 6.83 12.43
CA GLU A 38 2.91 5.77 13.31
C GLU A 38 3.89 4.61 13.38
N SER A 39 4.21 4.19 14.60
CA SER A 39 5.15 3.08 14.81
C SER A 39 4.72 1.85 14.03
N GLY A 40 5.60 0.85 13.98
CA GLY A 40 5.29 -0.37 13.26
C GLY A 40 6.47 -0.91 12.49
N PRO A 41 7.39 -1.59 13.19
CA PRO A 41 8.59 -2.17 12.59
C PRO A 41 8.27 -3.35 11.68
N SER A 42 8.25 -3.10 10.38
CA SER A 42 7.96 -4.14 9.40
C SER A 42 9.24 -4.72 8.83
N SER A 43 9.10 -5.76 8.00
CA SER A 43 10.25 -6.41 7.39
C SER A 43 10.53 -5.83 6.01
N GLY A 44 11.54 -4.96 5.94
CA GLY A 44 11.90 -4.34 4.68
C GLY A 44 11.17 -3.03 4.45
N GLY A 1 0.39 -23.25 4.21
CA GLY A 1 -0.18 -22.04 4.77
C GLY A 1 -1.52 -21.69 4.16
N SER A 2 -2.11 -20.61 4.63
CA SER A 2 -3.41 -20.16 4.13
C SER A 2 -3.35 -19.87 2.63
N SER A 3 -2.22 -19.33 2.20
CA SER A 3 -2.03 -18.98 0.80
C SER A 3 -3.28 -18.32 0.22
N GLY A 4 -3.79 -17.32 0.94
CA GLY A 4 -4.97 -16.62 0.49
C GLY A 4 -4.64 -15.38 -0.32
N SER A 5 -3.92 -15.56 -1.43
CA SER A 5 -3.54 -14.46 -2.29
C SER A 5 -3.83 -14.77 -3.75
N SER A 6 -4.82 -14.07 -4.31
CA SER A 6 -5.21 -14.28 -5.70
C SER A 6 -5.58 -12.95 -6.36
N GLY A 7 -5.68 -12.96 -7.68
CA GLY A 7 -6.04 -11.76 -8.41
C GLY A 7 -4.96 -10.70 -8.34
N THR A 8 -4.12 -10.63 -9.37
CA THR A 8 -3.04 -9.66 -9.43
C THR A 8 -3.57 -8.25 -9.60
N ARG A 9 -3.06 -7.32 -8.81
CA ARG A 9 -3.49 -5.92 -8.89
C ARG A 9 -3.01 -5.28 -10.19
N GLU A 10 -3.92 -4.61 -10.88
CA GLU A 10 -3.59 -3.94 -12.14
C GLU A 10 -2.71 -2.72 -11.89
N LYS A 11 -3.05 -1.95 -10.88
CA LYS A 11 -2.27 -0.75 -10.54
C LYS A 11 -0.81 -1.09 -10.31
N PRO A 12 0.09 -0.35 -10.99
CA PRO A 12 1.53 -0.56 -10.88
C PRO A 12 2.07 -0.15 -9.52
N TYR A 13 1.73 1.07 -9.10
CA TYR A 13 2.20 1.58 -7.81
C TYR A 13 1.50 0.86 -6.66
N GLU A 14 2.29 0.33 -5.73
CA GLU A 14 1.76 -0.38 -4.58
C GLU A 14 2.32 0.18 -3.28
N CYS A 15 1.54 0.08 -2.21
CA CYS A 15 1.96 0.57 -0.90
C CYS A 15 2.86 -0.44 -0.20
N SER A 16 3.99 0.05 0.32
CA SER A 16 4.94 -0.82 1.02
C SER A 16 4.59 -0.93 2.50
N GLU A 17 3.36 -0.57 2.84
CA GLU A 17 2.90 -0.62 4.22
C GLU A 17 1.77 -1.64 4.37
N CYS A 18 0.86 -1.65 3.41
CA CYS A 18 -0.27 -2.58 3.43
C CYS A 18 -0.31 -3.42 2.16
N GLY A 19 -0.03 -2.79 1.03
CA GLY A 19 -0.05 -3.50 -0.24
C GLY A 19 -1.03 -2.91 -1.22
N LYS A 20 -1.58 -1.75 -0.87
CA LYS A 20 -2.56 -1.09 -1.74
C LYS A 20 -2.00 -0.91 -3.15
N ALA A 21 -2.82 -0.33 -4.03
CA ALA A 21 -2.41 -0.12 -5.41
C ALA A 21 -2.88 1.24 -5.91
N PHE A 22 -2.16 1.80 -6.88
CA PHE A 22 -2.50 3.10 -7.44
C PHE A 22 -2.07 3.19 -8.91
N ILE A 23 -2.51 4.24 -9.59
CA ILE A 23 -2.17 4.44 -10.99
C ILE A 23 -0.94 5.32 -11.14
N ARG A 24 -0.85 6.36 -10.32
CA ARG A 24 0.29 7.28 -10.35
C ARG A 24 0.98 7.35 -8.99
N ASN A 25 2.30 7.33 -9.01
CA ASN A 25 3.08 7.39 -7.78
C ASN A 25 2.49 8.42 -6.81
N SER A 26 2.34 9.64 -7.31
CA SER A 26 1.80 10.73 -6.49
C SER A 26 0.67 10.22 -5.60
N GLN A 27 -0.20 9.39 -6.16
CA GLN A 27 -1.32 8.83 -5.41
C GLN A 27 -0.83 7.96 -4.25
N LEU A 28 0.11 7.07 -4.55
CA LEU A 28 0.66 6.18 -3.54
C LEU A 28 1.31 6.98 -2.40
N ILE A 29 2.19 7.91 -2.76
CA ILE A 29 2.86 8.74 -1.78
C ILE A 29 1.88 9.28 -0.75
N VAL A 30 0.89 10.03 -1.22
CA VAL A 30 -0.12 10.61 -0.34
C VAL A 30 -0.70 9.56 0.59
N HIS A 31 -0.84 8.33 0.09
CA HIS A 31 -1.38 7.24 0.88
C HIS A 31 -0.35 6.73 1.88
N GLN A 32 0.92 6.96 1.58
CA GLN A 32 2.00 6.52 2.45
C GLN A 32 2.26 7.53 3.56
N ARG A 33 1.88 8.78 3.32
CA ARG A 33 2.06 9.84 4.30
C ARG A 33 1.47 9.44 5.65
N THR A 34 0.30 8.81 5.61
CA THR A 34 -0.38 8.38 6.83
C THR A 34 0.36 7.21 7.48
N HIS A 35 0.93 6.34 6.65
CA HIS A 35 1.66 5.18 7.16
C HIS A 35 2.96 5.62 7.84
N SER A 36 3.58 6.67 7.32
CA SER A 36 4.82 7.18 7.89
C SER A 36 4.58 7.80 9.26
N GLY A 37 3.40 8.38 9.44
CA GLY A 37 3.07 9.00 10.72
C GLY A 37 3.46 8.14 11.90
N GLU A 38 2.54 7.26 12.32
CA GLU A 38 2.79 6.38 13.45
C GLU A 38 3.51 5.11 13.00
N SER A 39 4.38 5.26 12.00
CA SER A 39 5.14 4.13 11.48
C SER A 39 5.86 3.39 12.60
N GLY A 40 6.58 4.14 13.43
CA GLY A 40 7.30 3.55 14.53
C GLY A 40 7.07 4.28 15.84
N PRO A 41 6.01 3.90 16.55
CA PRO A 41 5.65 4.50 17.84
C PRO A 41 6.64 4.14 18.94
N SER A 42 7.65 4.98 19.13
CA SER A 42 8.66 4.73 20.15
C SER A 42 8.45 5.65 21.35
N SER A 43 7.62 5.18 22.30
CA SER A 43 7.33 5.96 23.49
C SER A 43 7.43 5.08 24.74
N GLY A 44 8.63 5.03 25.32
CA GLY A 44 8.83 4.23 26.52
C GLY A 44 9.62 4.98 27.59
N GLY A 1 5.56 -27.33 -0.48
CA GLY A 1 4.77 -26.12 -0.36
C GLY A 1 3.61 -26.09 -1.33
N SER A 2 3.04 -24.91 -1.54
CA SER A 2 1.90 -24.76 -2.45
C SER A 2 2.16 -23.64 -3.45
N SER A 3 1.69 -23.85 -4.68
CA SER A 3 1.88 -22.86 -5.74
C SER A 3 0.62 -22.03 -5.93
N GLY A 4 -0.53 -22.70 -6.01
CA GLY A 4 -1.78 -22.00 -6.18
C GLY A 4 -1.70 -20.92 -7.25
N SER A 5 -2.00 -19.68 -6.85
CA SER A 5 -1.96 -18.55 -7.78
C SER A 5 -2.20 -17.24 -7.05
N SER A 6 -1.39 -16.23 -7.36
CA SER A 6 -1.51 -14.92 -6.74
C SER A 6 -2.33 -13.98 -7.61
N GLY A 7 -1.83 -13.71 -8.80
CA GLY A 7 -2.53 -12.81 -9.72
C GLY A 7 -1.63 -11.73 -10.27
N THR A 8 -2.14 -10.96 -11.22
CA THR A 8 -1.38 -9.89 -11.84
C THR A 8 -1.95 -8.53 -11.49
N ARG A 9 -1.41 -7.91 -10.44
CA ARG A 9 -1.88 -6.60 -10.00
C ARG A 9 -2.16 -5.70 -11.19
N GLU A 10 -3.23 -4.91 -11.09
CA GLU A 10 -3.61 -3.99 -12.15
C GLU A 10 -2.87 -2.66 -12.03
N LYS A 11 -2.70 -2.21 -10.79
CA LYS A 11 -2.01 -0.95 -10.52
C LYS A 11 -0.50 -1.17 -10.38
N PRO A 12 0.29 -0.34 -11.07
CA PRO A 12 1.76 -0.43 -11.02
C PRO A 12 2.32 -0.02 -9.67
N TYR A 13 1.72 1.00 -9.07
CA TYR A 13 2.17 1.50 -7.78
C TYR A 13 1.50 0.74 -6.63
N GLU A 14 2.30 0.27 -5.69
CA GLU A 14 1.78 -0.48 -4.55
C GLU A 14 2.45 -0.03 -3.26
N CYS A 15 1.67 0.01 -2.18
CA CYS A 15 2.18 0.42 -0.87
C CYS A 15 3.03 -0.67 -0.25
N SER A 16 4.27 -0.33 0.08
CA SER A 16 5.19 -1.29 0.69
C SER A 16 4.92 -1.44 2.18
N GLU A 17 3.79 -0.90 2.62
CA GLU A 17 3.41 -0.98 4.03
C GLU A 17 2.27 -1.97 4.24
N CYS A 18 1.28 -1.93 3.34
CA CYS A 18 0.13 -2.82 3.42
C CYS A 18 -0.04 -3.62 2.13
N GLY A 19 0.19 -2.96 1.00
CA GLY A 19 0.07 -3.62 -0.28
C GLY A 19 -0.94 -2.94 -1.19
N LYS A 20 -1.42 -1.77 -0.77
CA LYS A 20 -2.40 -1.02 -1.55
C LYS A 20 -1.93 -0.87 -3.00
N ALA A 21 -2.75 -0.22 -3.82
CA ALA A 21 -2.42 0.01 -5.21
C ALA A 21 -2.85 1.40 -5.66
N PHE A 22 -2.25 1.87 -6.76
CA PHE A 22 -2.57 3.19 -7.29
C PHE A 22 -2.27 3.26 -8.78
N ILE A 23 -2.70 4.35 -9.42
CA ILE A 23 -2.47 4.53 -10.85
C ILE A 23 -1.24 5.39 -11.10
N ARG A 24 -1.00 6.35 -10.22
CA ARG A 24 0.15 7.25 -10.34
C ARG A 24 0.91 7.34 -9.03
N ASN A 25 2.24 7.42 -9.12
CA ASN A 25 3.08 7.52 -7.94
C ASN A 25 2.52 8.51 -6.94
N SER A 26 2.36 9.76 -7.38
CA SER A 26 1.82 10.81 -6.52
C SER A 26 0.65 10.30 -5.70
N GLN A 27 -0.16 9.44 -6.31
CA GLN A 27 -1.32 8.87 -5.63
C GLN A 27 -0.89 7.96 -4.48
N LEU A 28 0.16 7.18 -4.71
CA LEU A 28 0.68 6.26 -3.70
C LEU A 28 1.30 7.03 -2.54
N ILE A 29 2.24 7.90 -2.86
CA ILE A 29 2.92 8.71 -1.84
C ILE A 29 1.92 9.28 -0.84
N VAL A 30 0.90 9.96 -1.37
CA VAL A 30 -0.13 10.55 -0.53
C VAL A 30 -0.63 9.57 0.51
N HIS A 31 -0.75 8.31 0.12
CA HIS A 31 -1.22 7.26 1.02
C HIS A 31 -0.14 6.90 2.05
N GLN A 32 1.11 6.90 1.60
CA GLN A 32 2.22 6.57 2.48
C GLN A 32 2.35 7.58 3.62
N ARG A 33 1.80 8.78 3.40
CA ARG A 33 1.85 9.84 4.41
C ARG A 33 1.16 9.39 5.69
N THR A 34 0.14 8.54 5.55
CA THR A 34 -0.60 8.04 6.69
C THR A 34 0.22 7.02 7.48
N HIS A 35 0.94 6.16 6.75
CA HIS A 35 1.75 5.13 7.38
C HIS A 35 2.91 5.75 8.15
N SER A 36 3.51 6.80 7.58
CA SER A 36 4.63 7.48 8.21
C SER A 36 4.23 8.04 9.57
N GLY A 37 4.97 7.65 10.60
CA GLY A 37 4.68 8.11 11.94
C GLY A 37 5.01 7.09 13.00
N GLU A 38 3.98 6.44 13.55
CA GLU A 38 4.17 5.43 14.57
C GLU A 38 4.72 4.13 13.97
N SER A 39 3.95 3.55 13.04
CA SER A 39 4.36 2.31 12.39
C SER A 39 5.03 1.37 13.39
N GLY A 40 4.42 1.21 14.55
CA GLY A 40 4.98 0.34 15.57
C GLY A 40 4.44 -1.08 15.49
N PRO A 41 5.09 -2.00 16.20
CA PRO A 41 4.69 -3.41 16.23
C PRO A 41 3.36 -3.62 16.96
N SER A 42 2.76 -2.53 17.42
CA SER A 42 1.50 -2.60 18.14
C SER A 42 0.63 -3.72 17.61
N SER A 43 0.64 -4.86 18.30
CA SER A 43 -0.15 -6.02 17.90
C SER A 43 0.36 -6.57 16.57
N GLY A 44 1.67 -6.80 16.49
CA GLY A 44 2.25 -7.33 15.27
C GLY A 44 3.21 -8.47 15.54
N GLY A 1 -11.12 -25.42 0.45
CA GLY A 1 -12.26 -24.53 0.28
C GLY A 1 -12.42 -24.06 -1.15
N SER A 2 -12.02 -22.82 -1.42
CA SER A 2 -12.15 -22.25 -2.76
C SER A 2 -10.82 -22.34 -3.50
N SER A 3 -10.88 -22.61 -4.80
CA SER A 3 -9.69 -22.72 -5.63
C SER A 3 -9.21 -21.35 -6.08
N GLY A 4 -7.96 -21.29 -6.55
CA GLY A 4 -7.41 -20.03 -7.01
C GLY A 4 -6.03 -19.76 -6.43
N SER A 5 -5.15 -19.16 -7.24
CA SER A 5 -3.80 -18.85 -6.80
C SER A 5 -3.59 -17.35 -6.70
N SER A 6 -3.76 -16.66 -7.81
CA SER A 6 -3.59 -15.20 -7.85
C SER A 6 -4.20 -14.62 -9.12
N GLY A 7 -4.38 -13.30 -9.12
CA GLY A 7 -4.96 -12.64 -10.28
C GLY A 7 -3.93 -11.83 -11.06
N THR A 8 -4.22 -10.56 -11.28
CA THR A 8 -3.31 -9.69 -12.02
C THR A 8 -3.24 -8.31 -11.39
N ARG A 9 -2.03 -7.80 -11.20
CA ARG A 9 -1.83 -6.49 -10.60
C ARG A 9 -2.55 -5.41 -11.40
N GLU A 10 -3.63 -4.89 -10.83
CA GLU A 10 -4.42 -3.85 -11.50
C GLU A 10 -3.64 -2.55 -11.58
N LYS A 11 -3.12 -2.09 -10.44
CA LYS A 11 -2.35 -0.86 -10.39
C LYS A 11 -0.86 -1.16 -10.30
N PRO A 12 -0.04 -0.35 -11.01
CA PRO A 12 1.41 -0.50 -11.02
C PRO A 12 2.05 -0.13 -9.69
N TYR A 13 1.63 1.00 -9.13
CA TYR A 13 2.16 1.47 -7.86
C TYR A 13 1.47 0.77 -6.69
N GLU A 14 2.27 0.27 -5.76
CA GLU A 14 1.73 -0.42 -4.59
C GLU A 14 2.34 0.13 -3.31
N CYS A 15 1.64 -0.08 -2.19
CA CYS A 15 2.12 0.40 -0.89
C CYS A 15 3.01 -0.64 -0.22
N SER A 16 4.21 -0.22 0.16
CA SER A 16 5.15 -1.11 0.81
C SER A 16 4.90 -1.19 2.31
N GLU A 17 3.67 -0.84 2.71
CA GLU A 17 3.29 -0.86 4.12
C GLU A 17 2.16 -1.85 4.36
N CYS A 18 1.20 -1.88 3.44
CA CYS A 18 0.06 -2.78 3.56
C CYS A 18 -0.16 -3.55 2.26
N GLY A 19 -0.01 -2.85 1.14
CA GLY A 19 -0.19 -3.49 -0.15
C GLY A 19 -1.08 -2.69 -1.07
N LYS A 20 -1.53 -1.53 -0.60
CA LYS A 20 -2.41 -0.67 -1.38
C LYS A 20 -1.92 -0.57 -2.82
N ALA A 21 -2.78 -0.08 -3.70
CA ALA A 21 -2.44 0.06 -5.11
C ALA A 21 -2.78 1.46 -5.62
N PHE A 22 -2.08 1.90 -6.66
CA PHE A 22 -2.30 3.21 -7.24
C PHE A 22 -1.86 3.25 -8.70
N ILE A 23 -2.49 4.13 -9.48
CA ILE A 23 -2.15 4.27 -10.89
C ILE A 23 -0.99 5.25 -11.09
N ARG A 24 -0.95 6.29 -10.27
CA ARG A 24 0.10 7.29 -10.35
C ARG A 24 0.86 7.40 -9.04
N ASN A 25 2.18 7.40 -9.12
CA ASN A 25 3.03 7.49 -7.93
C ASN A 25 2.48 8.54 -6.96
N SER A 26 2.32 9.76 -7.45
CA SER A 26 1.81 10.84 -6.62
C SER A 26 0.66 10.38 -5.75
N GLN A 27 -0.15 9.46 -6.29
CA GLN A 27 -1.29 8.93 -5.55
C GLN A 27 -0.83 8.04 -4.40
N LEU A 28 0.07 7.11 -4.70
CA LEU A 28 0.59 6.20 -3.68
C LEU A 28 1.24 6.97 -2.54
N ILE A 29 2.19 7.84 -2.87
CA ILE A 29 2.88 8.64 -1.87
C ILE A 29 1.89 9.22 -0.86
N VAL A 30 0.87 9.90 -1.37
CA VAL A 30 -0.15 10.51 -0.52
C VAL A 30 -0.65 9.52 0.53
N HIS A 31 -0.77 8.26 0.13
CA HIS A 31 -1.24 7.21 1.03
C HIS A 31 -0.16 6.85 2.05
N GLN A 32 1.09 6.81 1.60
CA GLN A 32 2.21 6.47 2.47
C GLN A 32 2.33 7.48 3.61
N ARG A 33 1.87 8.69 3.36
CA ARG A 33 1.93 9.75 4.37
C ARG A 33 1.24 9.30 5.66
N THR A 34 0.14 8.58 5.51
CA THR A 34 -0.63 8.10 6.66
C THR A 34 0.19 7.09 7.47
N HIS A 35 0.93 6.23 6.77
CA HIS A 35 1.75 5.22 7.43
C HIS A 35 2.88 5.87 8.22
N SER A 36 3.45 6.93 7.66
CA SER A 36 4.55 7.64 8.31
C SER A 36 4.22 7.91 9.78
N GLY A 37 5.25 7.89 10.62
CA GLY A 37 5.06 8.14 12.04
C GLY A 37 4.20 7.08 12.69
N GLU A 38 4.41 5.82 12.31
CA GLU A 38 3.64 4.73 12.87
C GLU A 38 4.48 3.45 12.95
N SER A 39 4.47 2.80 14.10
CA SER A 39 5.23 1.58 14.30
C SER A 39 4.74 0.47 13.38
N GLY A 40 5.59 0.07 12.44
CA GLY A 40 5.22 -0.97 11.51
C GLY A 40 6.41 -1.83 11.10
N PRO A 41 7.03 -1.48 9.95
CA PRO A 41 8.19 -2.21 9.44
C PRO A 41 9.43 -2.00 10.29
N SER A 42 10.35 -2.96 10.23
CA SER A 42 11.58 -2.89 11.00
C SER A 42 12.31 -1.58 10.73
N SER A 43 12.55 -0.81 11.79
CA SER A 43 13.23 0.48 11.67
C SER A 43 13.53 1.06 13.04
N GLY A 44 14.80 1.40 13.27
CA GLY A 44 15.20 1.96 14.54
C GLY A 44 14.34 3.14 14.96
N GLY A 1 -4.33 -20.73 3.46
CA GLY A 1 -5.57 -21.46 3.33
C GLY A 1 -6.03 -21.57 1.89
N SER A 2 -7.34 -21.42 1.68
CA SER A 2 -7.91 -21.50 0.34
C SER A 2 -8.99 -20.46 0.15
N SER A 3 -9.00 -19.81 -1.02
CA SER A 3 -9.99 -18.79 -1.32
C SER A 3 -10.36 -18.81 -2.80
N GLY A 4 -11.38 -18.04 -3.18
CA GLY A 4 -11.81 -17.99 -4.56
C GLY A 4 -11.97 -16.57 -5.05
N SER A 5 -12.97 -15.86 -4.53
CA SER A 5 -13.24 -14.49 -4.94
C SER A 5 -11.99 -13.63 -4.78
N SER A 6 -11.32 -13.77 -3.64
CA SER A 6 -10.10 -12.99 -3.37
C SER A 6 -9.25 -12.87 -4.62
N GLY A 7 -8.61 -11.70 -4.78
CA GLY A 7 -7.78 -11.47 -5.93
C GLY A 7 -6.72 -10.42 -5.68
N THR A 8 -6.44 -9.60 -6.69
CA THR A 8 -5.44 -8.55 -6.56
C THR A 8 -5.70 -7.41 -7.55
N ARG A 9 -5.08 -6.27 -7.29
CA ARG A 9 -5.26 -5.11 -8.16
C ARG A 9 -4.17 -5.06 -9.23
N GLU A 10 -4.51 -4.53 -10.40
CA GLU A 10 -3.56 -4.41 -11.50
C GLU A 10 -2.69 -3.18 -11.35
N LYS A 11 -3.20 -2.17 -10.64
CA LYS A 11 -2.47 -0.94 -10.42
C LYS A 11 -0.97 -1.21 -10.29
N PRO A 12 -0.16 -0.42 -11.01
CA PRO A 12 1.30 -0.56 -10.98
C PRO A 12 1.90 -0.13 -9.66
N TYR A 13 1.54 1.05 -9.20
CA TYR A 13 2.05 1.58 -7.94
C TYR A 13 1.42 0.85 -6.75
N GLU A 14 2.27 0.30 -5.88
CA GLU A 14 1.81 -0.42 -4.71
C GLU A 14 2.48 0.08 -3.45
N CYS A 15 1.77 0.01 -2.33
CA CYS A 15 2.32 0.46 -1.04
C CYS A 15 3.31 -0.54 -0.50
N SER A 16 4.49 -0.05 -0.12
CA SER A 16 5.54 -0.90 0.43
C SER A 16 5.37 -1.08 1.93
N GLU A 17 4.13 -0.97 2.40
CA GLU A 17 3.83 -1.13 3.82
C GLU A 17 2.68 -2.10 4.03
N CYS A 18 1.63 -1.97 3.22
CA CYS A 18 0.47 -2.83 3.33
C CYS A 18 0.28 -3.64 2.04
N GLY A 19 0.53 -2.99 0.90
CA GLY A 19 0.38 -3.67 -0.37
C GLY A 19 -0.69 -3.03 -1.24
N LYS A 20 -1.15 -1.85 -0.84
CA LYS A 20 -2.19 -1.14 -1.58
C LYS A 20 -1.78 -0.98 -3.04
N ALA A 21 -2.66 -0.34 -3.82
CA ALA A 21 -2.39 -0.11 -5.23
C ALA A 21 -2.84 1.28 -5.66
N PHE A 22 -2.22 1.81 -6.72
CA PHE A 22 -2.56 3.13 -7.23
C PHE A 22 -2.27 3.22 -8.72
N ILE A 23 -2.72 4.32 -9.34
CA ILE A 23 -2.50 4.53 -10.76
C ILE A 23 -1.24 5.34 -11.01
N ARG A 24 -1.03 6.38 -10.21
CA ARG A 24 0.14 7.24 -10.35
C ARG A 24 0.91 7.31 -9.03
N ASN A 25 2.23 7.33 -9.13
CA ASN A 25 3.08 7.40 -7.94
C ASN A 25 2.56 8.44 -6.96
N SER A 26 2.30 9.64 -7.47
CA SER A 26 1.79 10.73 -6.63
C SER A 26 0.68 10.24 -5.71
N GLN A 27 -0.20 9.40 -6.25
CA GLN A 27 -1.31 8.86 -5.49
C GLN A 27 -0.81 8.01 -4.33
N LEU A 28 0.13 7.12 -4.62
CA LEU A 28 0.70 6.24 -3.61
C LEU A 28 1.37 7.05 -2.50
N ILE A 29 2.29 7.93 -2.88
CA ILE A 29 2.99 8.77 -1.92
C ILE A 29 2.03 9.34 -0.89
N VAL A 30 0.99 10.01 -1.38
CA VAL A 30 0.00 10.61 -0.49
C VAL A 30 -0.50 9.62 0.55
N HIS A 31 -0.70 8.38 0.11
CA HIS A 31 -1.18 7.32 1.00
C HIS A 31 -0.13 6.98 2.05
N GLN A 32 1.13 6.93 1.61
CA GLN A 32 2.23 6.61 2.52
C GLN A 32 2.26 7.57 3.70
N ARG A 33 1.83 8.81 3.47
CA ARG A 33 1.81 9.81 4.52
C ARG A 33 1.11 9.29 5.77
N THR A 34 0.03 8.54 5.56
CA THR A 34 -0.73 7.98 6.67
C THR A 34 0.10 6.99 7.47
N HIS A 35 0.92 6.21 6.76
CA HIS A 35 1.77 5.22 7.42
C HIS A 35 2.81 5.90 8.31
N SER A 36 3.37 7.01 7.83
CA SER A 36 4.37 7.75 8.59
C SER A 36 4.01 7.78 10.07
N GLY A 37 2.86 8.37 10.39
CA GLY A 37 2.42 8.46 11.77
C GLY A 37 1.76 7.19 12.25
N GLU A 38 0.92 7.31 13.28
CA GLU A 38 0.22 6.16 13.83
C GLU A 38 1.15 4.95 13.94
N SER A 39 2.37 5.19 14.39
CA SER A 39 3.36 4.13 14.54
C SER A 39 3.78 3.98 16.00
N GLY A 40 4.17 5.09 16.62
CA GLY A 40 4.60 5.05 17.99
C GLY A 40 6.08 5.30 18.16
N PRO A 41 6.69 4.65 19.16
CA PRO A 41 8.13 4.78 19.44
C PRO A 41 8.98 4.13 18.36
N SER A 42 10.30 4.34 18.46
CA SER A 42 11.23 3.77 17.49
C SER A 42 12.64 3.73 18.06
N SER A 43 13.19 2.52 18.20
CA SER A 43 14.52 2.33 18.74
C SER A 43 15.58 2.64 17.68
N GLY A 44 16.70 3.22 18.13
CA GLY A 44 17.77 3.56 17.20
C GLY A 44 17.90 5.05 16.99
N GLY A 1 6.39 -27.98 -5.75
CA GLY A 1 6.25 -26.64 -5.21
C GLY A 1 4.80 -26.27 -4.93
N SER A 2 4.34 -25.21 -5.57
CA SER A 2 2.96 -24.75 -5.39
C SER A 2 2.57 -23.75 -6.46
N SER A 3 1.39 -23.92 -7.03
CA SER A 3 0.91 -23.02 -8.08
C SER A 3 0.99 -21.57 -7.62
N GLY A 4 1.24 -20.67 -8.57
CA GLY A 4 1.33 -19.27 -8.25
C GLY A 4 0.08 -18.73 -7.59
N SER A 5 0.24 -17.67 -6.79
CA SER A 5 -0.90 -17.08 -6.09
C SER A 5 -1.15 -15.65 -6.58
N SER A 6 -1.86 -15.54 -7.70
CA SER A 6 -2.17 -14.24 -8.28
C SER A 6 -3.11 -13.44 -7.37
N GLY A 7 -2.91 -12.13 -7.33
CA GLY A 7 -3.75 -11.29 -6.50
C GLY A 7 -4.66 -10.38 -7.32
N THR A 8 -4.93 -9.20 -6.79
CA THR A 8 -5.79 -8.24 -7.46
C THR A 8 -5.14 -6.86 -7.51
N ARG A 9 -3.85 -6.83 -7.83
CA ARG A 9 -3.11 -5.58 -7.91
C ARG A 9 -2.76 -5.24 -9.36
N GLU A 10 -3.74 -4.72 -10.09
CA GLU A 10 -3.54 -4.37 -11.49
C GLU A 10 -2.67 -3.12 -11.61
N LYS A 11 -2.81 -2.21 -10.65
CA LYS A 11 -2.05 -0.98 -10.65
C LYS A 11 -0.56 -1.26 -10.42
N PRO A 12 0.30 -0.47 -11.09
CA PRO A 12 1.75 -0.62 -10.99
C PRO A 12 2.28 -0.20 -9.62
N TYR A 13 1.76 0.92 -9.11
CA TYR A 13 2.18 1.43 -7.82
C TYR A 13 1.48 0.68 -6.68
N GLU A 14 2.27 0.27 -5.68
CA GLU A 14 1.73 -0.45 -4.54
C GLU A 14 2.31 0.09 -3.23
N CYS A 15 1.49 0.05 -2.18
CA CYS A 15 1.91 0.54 -0.87
C CYS A 15 2.79 -0.50 -0.16
N SER A 16 3.98 -0.08 0.25
CA SER A 16 4.91 -0.96 0.94
C SER A 16 4.56 -1.08 2.42
N GLU A 17 3.34 -0.68 2.76
CA GLU A 17 2.89 -0.73 4.15
C GLU A 17 1.75 -1.74 4.31
N CYS A 18 0.78 -1.68 3.41
CA CYS A 18 -0.36 -2.59 3.45
C CYS A 18 -0.45 -3.41 2.17
N GLY A 19 -0.10 -2.79 1.06
CA GLY A 19 -0.15 -3.48 -0.23
C GLY A 19 -1.10 -2.83 -1.20
N LYS A 20 -1.66 -1.69 -0.80
CA LYS A 20 -2.60 -0.96 -1.66
C LYS A 20 -2.05 -0.81 -3.07
N ALA A 21 -2.83 -0.18 -3.94
CA ALA A 21 -2.42 0.04 -5.32
C ALA A 21 -2.71 1.47 -5.76
N PHE A 22 -2.04 1.91 -6.82
CA PHE A 22 -2.22 3.26 -7.34
C PHE A 22 -1.78 3.34 -8.80
N ILE A 23 -2.41 4.26 -9.55
CA ILE A 23 -2.08 4.43 -10.96
C ILE A 23 -0.88 5.37 -11.13
N ARG A 24 -0.74 6.31 -10.21
CA ARG A 24 0.36 7.27 -10.25
C ARG A 24 1.07 7.34 -8.91
N ASN A 25 2.40 7.40 -8.95
CA ASN A 25 3.19 7.48 -7.72
C ASN A 25 2.61 8.50 -6.76
N SER A 26 2.44 9.73 -7.24
CA SER A 26 1.89 10.81 -6.41
C SER A 26 0.68 10.32 -5.62
N GLN A 27 -0.13 9.48 -6.25
CA GLN A 27 -1.32 8.94 -5.61
C GLN A 27 -0.96 8.04 -4.44
N LEU A 28 -0.01 7.13 -4.67
CA LEU A 28 0.44 6.21 -3.63
C LEU A 28 1.06 6.96 -2.46
N ILE A 29 2.07 7.78 -2.76
CA ILE A 29 2.75 8.55 -1.73
C ILE A 29 1.75 9.15 -0.75
N VAL A 30 0.74 9.83 -1.29
CA VAL A 30 -0.30 10.45 -0.46
C VAL A 30 -0.86 9.46 0.56
N HIS A 31 -1.01 8.20 0.13
CA HIS A 31 -1.54 7.16 0.99
C HIS A 31 -0.47 6.66 1.96
N GLN A 32 0.80 6.89 1.61
CA GLN A 32 1.91 6.47 2.45
C GLN A 32 2.24 7.52 3.50
N ARG A 33 1.83 8.76 3.25
CA ARG A 33 2.08 9.85 4.17
C ARG A 33 1.56 9.51 5.56
N THR A 34 0.42 8.82 5.62
CA THR A 34 -0.18 8.44 6.88
C THR A 34 0.56 7.26 7.51
N HIS A 35 1.04 6.35 6.67
CA HIS A 35 1.77 5.19 7.14
C HIS A 35 3.08 5.59 7.80
N SER A 36 3.73 6.61 7.26
CA SER A 36 4.99 7.10 7.79
C SER A 36 4.76 8.15 8.87
N GLY A 37 5.82 8.49 9.60
CA GLY A 37 5.71 9.48 10.66
C GLY A 37 6.68 9.23 11.79
N GLU A 38 6.63 8.03 12.35
CA GLU A 38 7.50 7.67 13.45
C GLU A 38 8.46 6.55 13.05
N SER A 39 9.65 6.94 12.57
CA SER A 39 10.65 5.98 12.14
C SER A 39 11.92 6.11 12.97
N GLY A 40 11.93 5.44 14.13
CA GLY A 40 13.09 5.50 15.00
C GLY A 40 12.75 5.11 16.42
N PRO A 41 12.73 3.80 16.70
CA PRO A 41 12.42 3.28 18.04
C PRO A 41 13.52 3.58 19.05
N SER A 42 14.76 3.30 18.65
CA SER A 42 15.91 3.53 19.52
C SER A 42 17.20 3.56 18.72
N SER A 43 18.06 4.55 19.00
CA SER A 43 19.32 4.69 18.30
C SER A 43 19.13 4.60 16.79
N GLY A 44 18.08 5.24 16.30
CA GLY A 44 17.80 5.23 14.88
C GLY A 44 16.65 4.30 14.52
N GLY A 1 -6.10 -23.03 -5.36
CA GLY A 1 -6.06 -21.64 -4.95
C GLY A 1 -5.84 -20.70 -6.13
N SER A 2 -6.92 -20.13 -6.64
CA SER A 2 -6.84 -19.21 -7.77
C SER A 2 -6.12 -17.93 -7.37
N SER A 3 -5.59 -17.22 -8.37
CA SER A 3 -4.88 -15.98 -8.13
C SER A 3 -4.97 -15.05 -9.35
N GLY A 4 -5.21 -13.76 -9.09
CA GLY A 4 -5.31 -12.80 -10.16
C GLY A 4 -6.73 -12.30 -10.35
N SER A 5 -7.66 -13.21 -10.61
CA SER A 5 -9.05 -12.84 -10.81
C SER A 5 -9.83 -12.93 -9.50
N SER A 6 -9.23 -12.46 -8.42
CA SER A 6 -9.85 -12.48 -7.11
C SER A 6 -9.98 -11.07 -6.54
N GLY A 7 -8.86 -10.37 -6.47
CA GLY A 7 -8.86 -9.02 -5.94
C GLY A 7 -8.76 -7.96 -7.03
N THR A 8 -7.63 -7.28 -7.10
CA THR A 8 -7.41 -6.25 -8.09
C THR A 8 -5.95 -5.79 -8.12
N ARG A 9 -5.29 -6.00 -9.26
CA ARG A 9 -3.89 -5.62 -9.41
C ARG A 9 -3.67 -4.89 -10.73
N GLU A 10 -4.63 -4.06 -11.12
CA GLU A 10 -4.54 -3.31 -12.37
C GLU A 10 -3.77 -2.01 -12.16
N LYS A 11 -3.10 -1.90 -11.02
CA LYS A 11 -2.32 -0.72 -10.70
C LYS A 11 -0.85 -1.07 -10.48
N PRO A 12 0.04 -0.31 -11.13
CA PRO A 12 1.49 -0.53 -11.02
C PRO A 12 2.03 -0.16 -9.65
N TYR A 13 1.68 1.03 -9.18
CA TYR A 13 2.13 1.50 -7.88
C TYR A 13 1.49 0.70 -6.76
N GLU A 14 2.29 0.34 -5.75
CA GLU A 14 1.80 -0.42 -4.62
C GLU A 14 2.39 0.09 -3.31
N CYS A 15 1.58 0.15 -2.27
CA CYS A 15 2.02 0.63 -0.97
C CYS A 15 2.94 -0.39 -0.31
N SER A 16 4.09 0.08 0.16
CA SER A 16 5.07 -0.78 0.81
C SER A 16 4.73 -0.98 2.28
N GLU A 17 3.59 -0.43 2.70
CA GLU A 17 3.15 -0.55 4.09
C GLU A 17 2.08 -1.63 4.22
N CYS A 18 1.06 -1.55 3.38
CA CYS A 18 -0.04 -2.52 3.41
C CYS A 18 -0.05 -3.36 2.14
N GLY A 19 0.21 -2.72 1.00
CA GLY A 19 0.22 -3.42 -0.26
C GLY A 19 -0.81 -2.88 -1.24
N LYS A 20 -1.46 -1.79 -0.87
CA LYS A 20 -2.47 -1.17 -1.72
C LYS A 20 -1.95 -0.97 -3.14
N ALA A 21 -2.77 -0.37 -3.99
CA ALA A 21 -2.38 -0.12 -5.37
C ALA A 21 -2.80 1.28 -5.81
N PHE A 22 -2.13 1.80 -6.83
CA PHE A 22 -2.43 3.14 -7.35
C PHE A 22 -2.05 3.24 -8.83
N ILE A 23 -2.55 4.28 -9.49
CA ILE A 23 -2.26 4.50 -10.89
C ILE A 23 -1.04 5.41 -11.08
N ARG A 24 -0.93 6.42 -10.22
CA ARG A 24 0.19 7.36 -10.29
C ARG A 24 0.94 7.39 -8.96
N ASN A 25 2.26 7.42 -9.04
CA ASN A 25 3.10 7.45 -7.86
C ASN A 25 2.56 8.45 -6.84
N SER A 26 2.46 9.71 -7.25
CA SER A 26 1.95 10.77 -6.38
C SER A 26 0.75 10.29 -5.59
N GLN A 27 -0.11 9.50 -6.23
CA GLN A 27 -1.30 8.97 -5.59
C GLN A 27 -0.94 8.05 -4.43
N LEU A 28 0.05 7.19 -4.66
CA LEU A 28 0.50 6.26 -3.62
C LEU A 28 1.15 7.00 -2.46
N ILE A 29 2.15 7.81 -2.78
CA ILE A 29 2.85 8.58 -1.76
C ILE A 29 1.88 9.20 -0.76
N VAL A 30 0.84 9.85 -1.28
CA VAL A 30 -0.17 10.48 -0.44
C VAL A 30 -0.75 9.48 0.56
N HIS A 31 -0.91 8.24 0.12
CA HIS A 31 -1.47 7.19 0.98
C HIS A 31 -0.41 6.69 1.96
N GLN A 32 0.86 6.94 1.64
CA GLN A 32 1.95 6.50 2.50
C GLN A 32 2.21 7.53 3.61
N ARG A 33 1.86 8.78 3.33
CA ARG A 33 2.06 9.85 4.31
C ARG A 33 1.50 9.46 5.67
N THR A 34 0.32 8.86 5.66
CA THR A 34 -0.32 8.43 6.90
C THR A 34 0.44 7.28 7.55
N HIS A 35 0.96 6.39 6.72
CA HIS A 35 1.71 5.24 7.21
C HIS A 35 2.99 5.68 7.92
N SER A 36 3.61 6.75 7.42
CA SER A 36 4.84 7.26 8.00
C SER A 36 4.54 8.13 9.21
N GLY A 37 3.64 7.66 10.07
CA GLY A 37 3.27 8.41 11.26
C GLY A 37 3.77 7.76 12.53
N GLU A 38 3.55 6.45 12.65
CA GLU A 38 3.98 5.71 13.83
C GLU A 38 5.12 4.75 13.49
N SER A 39 6.17 4.77 14.32
CA SER A 39 7.33 3.92 14.10
C SER A 39 7.63 3.08 15.33
N GLY A 40 7.45 1.77 15.22
CA GLY A 40 7.71 0.88 16.34
C GLY A 40 6.65 -0.19 16.48
N PRO A 41 6.71 -1.20 15.60
CA PRO A 41 5.75 -2.32 15.61
C PRO A 41 5.94 -3.23 16.81
N SER A 42 6.96 -2.96 17.60
CA SER A 42 7.26 -3.76 18.79
C SER A 42 7.38 -2.87 20.03
N SER A 43 6.24 -2.50 20.59
CA SER A 43 6.22 -1.66 21.78
C SER A 43 4.79 -1.49 22.30
N GLY A 44 4.54 -2.01 23.49
CA GLY A 44 3.22 -1.92 24.09
C GLY A 44 2.27 -2.97 23.55
N GLY A 1 -18.70 -14.11 6.09
CA GLY A 1 -18.89 -14.52 4.71
C GLY A 1 -17.60 -14.56 3.92
N SER A 2 -17.50 -13.73 2.90
CA SER A 2 -16.31 -13.68 2.05
C SER A 2 -15.70 -12.27 2.05
N SER A 3 -14.53 -12.14 1.43
CA SER A 3 -13.85 -10.86 1.35
C SER A 3 -13.55 -10.49 -0.09
N GLY A 4 -13.51 -9.18 -0.36
CA GLY A 4 -13.23 -8.72 -1.71
C GLY A 4 -12.66 -7.31 -1.73
N SER A 5 -11.43 -7.16 -1.25
CA SER A 5 -10.78 -5.87 -1.22
C SER A 5 -9.43 -5.91 -1.92
N SER A 6 -8.56 -6.82 -1.46
CA SER A 6 -7.23 -6.95 -2.05
C SER A 6 -7.22 -8.05 -3.11
N GLY A 7 -7.52 -7.67 -4.35
CA GLY A 7 -7.54 -8.63 -5.44
C GLY A 7 -6.66 -8.19 -6.60
N THR A 8 -7.29 -7.95 -7.75
CA THR A 8 -6.56 -7.54 -8.95
C THR A 8 -5.82 -6.22 -8.71
N ARG A 9 -4.52 -6.32 -8.46
CA ARG A 9 -3.70 -5.13 -8.22
C ARG A 9 -2.98 -4.70 -9.50
N GLU A 10 -3.72 -4.64 -10.60
CA GLU A 10 -3.15 -4.25 -11.88
C GLU A 10 -2.29 -2.98 -11.73
N LYS A 11 -2.69 -2.12 -10.81
CA LYS A 11 -1.96 -0.87 -10.56
C LYS A 11 -0.48 -1.14 -10.38
N PRO A 12 0.36 -0.30 -11.01
CA PRO A 12 1.82 -0.42 -10.93
C PRO A 12 2.36 -0.08 -9.54
N TYR A 13 1.87 1.02 -8.99
CA TYR A 13 2.30 1.47 -7.67
C TYR A 13 1.57 0.71 -6.57
N GLU A 14 2.31 0.24 -5.57
CA GLU A 14 1.72 -0.50 -4.47
C GLU A 14 2.27 -0.01 -3.12
N CYS A 15 1.43 -0.05 -2.10
CA CYS A 15 1.83 0.41 -0.77
C CYS A 15 2.68 -0.66 -0.07
N SER A 16 3.86 -0.24 0.38
CA SER A 16 4.78 -1.15 1.07
C SER A 16 4.41 -1.28 2.54
N GLU A 17 3.20 -0.85 2.89
CA GLU A 17 2.74 -0.92 4.27
C GLU A 17 1.57 -1.90 4.40
N CYS A 18 0.64 -1.81 3.46
CA CYS A 18 -0.54 -2.69 3.47
C CYS A 18 -0.62 -3.49 2.18
N GLY A 19 -0.21 -2.88 1.07
CA GLY A 19 -0.25 -3.57 -0.21
C GLY A 19 -1.22 -2.91 -1.18
N LYS A 20 -1.69 -1.72 -0.84
CA LYS A 20 -2.62 -0.99 -1.69
C LYS A 20 -2.08 -0.86 -3.11
N ALA A 21 -2.85 -0.23 -3.98
CA ALA A 21 -2.44 -0.04 -5.37
C ALA A 21 -2.84 1.34 -5.86
N PHE A 22 -2.11 1.85 -6.85
CA PHE A 22 -2.38 3.16 -7.42
C PHE A 22 -1.92 3.24 -8.88
N ILE A 23 -2.45 4.22 -9.60
CA ILE A 23 -2.09 4.40 -11.01
C ILE A 23 -0.82 5.24 -11.14
N ARG A 24 -0.73 6.28 -10.33
CA ARG A 24 0.43 7.18 -10.36
C ARG A 24 1.07 7.28 -8.98
N ASN A 25 2.40 7.33 -8.96
CA ASN A 25 3.13 7.43 -7.70
C ASN A 25 2.53 8.51 -6.80
N SER A 26 2.42 9.72 -7.33
CA SER A 26 1.87 10.84 -6.57
C SER A 26 0.68 10.39 -5.72
N GLN A 27 -0.09 9.44 -6.26
CA GLN A 27 -1.26 8.91 -5.55
C GLN A 27 -0.83 8.09 -4.34
N LEU A 28 0.03 7.11 -4.57
CA LEU A 28 0.51 6.24 -3.49
C LEU A 28 1.11 7.07 -2.36
N ILE A 29 2.08 7.92 -2.71
CA ILE A 29 2.74 8.76 -1.72
C ILE A 29 1.73 9.32 -0.72
N VAL A 30 0.71 10.00 -1.23
CA VAL A 30 -0.32 10.59 -0.38
C VAL A 30 -0.89 9.56 0.58
N HIS A 31 -1.01 8.32 0.12
CA HIS A 31 -1.53 7.23 0.95
C HIS A 31 -0.45 6.69 1.88
N GLN A 32 0.81 6.96 1.54
CA GLN A 32 1.93 6.49 2.35
C GLN A 32 2.25 7.49 3.45
N ARG A 33 1.88 8.75 3.23
CA ARG A 33 2.14 9.79 4.22
C ARG A 33 1.59 9.41 5.58
N THR A 34 0.43 8.76 5.59
CA THR A 34 -0.20 8.33 6.83
C THR A 34 0.54 7.16 7.45
N HIS A 35 1.01 6.25 6.61
CA HIS A 35 1.75 5.09 7.07
C HIS A 35 3.08 5.49 7.72
N SER A 36 3.69 6.54 7.17
CA SER A 36 4.97 7.02 7.69
C SER A 36 4.74 8.07 8.77
N GLY A 37 4.35 7.63 9.96
CA GLY A 37 4.11 8.55 11.05
C GLY A 37 2.64 8.67 11.39
N GLU A 38 2.26 8.12 12.54
CA GLU A 38 0.87 8.17 12.98
C GLU A 38 0.77 8.63 14.44
N SER A 39 -0.14 9.55 14.71
CA SER A 39 -0.34 10.06 16.06
C SER A 39 -0.96 9.01 16.96
N GLY A 40 -0.16 7.99 17.31
CA GLY A 40 -0.65 6.93 18.17
C GLY A 40 -0.61 7.31 19.64
N PRO A 41 0.58 7.22 20.24
CA PRO A 41 0.78 7.55 21.65
C PRO A 41 0.65 9.04 21.93
N SER A 42 0.81 9.43 23.19
CA SER A 42 0.70 10.83 23.58
C SER A 42 1.54 11.71 22.66
N SER A 43 0.87 12.41 21.75
CA SER A 43 1.55 13.29 20.81
C SER A 43 1.17 14.75 21.07
N GLY A 44 1.01 15.10 22.33
CA GLY A 44 0.65 16.46 22.69
C GLY A 44 0.51 16.65 24.19
N GLY A 1 -10.52 -25.11 1.82
CA GLY A 1 -9.76 -24.15 1.06
C GLY A 1 -10.50 -22.84 0.87
N SER A 2 -10.10 -21.81 1.59
CA SER A 2 -10.73 -20.50 1.50
C SER A 2 -9.97 -19.59 0.54
N SER A 3 -9.55 -20.15 -0.59
CA SER A 3 -8.80 -19.39 -1.57
C SER A 3 -9.70 -18.38 -2.27
N GLY A 4 -9.13 -17.23 -2.63
CA GLY A 4 -9.90 -16.20 -3.31
C GLY A 4 -9.37 -15.90 -4.69
N SER A 5 -8.76 -14.73 -4.85
CA SER A 5 -8.22 -14.31 -6.13
C SER A 5 -7.13 -13.27 -5.96
N SER A 6 -5.88 -13.67 -6.19
CA SER A 6 -4.75 -12.76 -6.05
C SER A 6 -4.19 -12.37 -7.41
N GLY A 7 -3.28 -11.40 -7.41
CA GLY A 7 -2.68 -10.95 -8.67
C GLY A 7 -3.56 -9.96 -9.40
N THR A 8 -4.87 -10.11 -9.27
CA THR A 8 -5.81 -9.22 -9.93
C THR A 8 -5.29 -7.78 -9.96
N ARG A 9 -4.75 -7.33 -8.83
CA ARG A 9 -4.23 -5.98 -8.72
C ARG A 9 -3.52 -5.58 -10.00
N GLU A 10 -4.09 -4.60 -10.71
CA GLU A 10 -3.52 -4.12 -11.96
C GLU A 10 -2.63 -2.90 -11.72
N LYS A 11 -3.07 -2.02 -10.83
CA LYS A 11 -2.32 -0.81 -10.51
C LYS A 11 -0.83 -1.12 -10.38
N PRO A 12 0.01 -0.31 -11.04
CA PRO A 12 1.46 -0.48 -11.00
C PRO A 12 2.04 -0.13 -9.65
N TYR A 13 1.68 1.03 -9.13
CA TYR A 13 2.17 1.49 -7.83
C TYR A 13 1.51 0.71 -6.70
N GLU A 14 2.32 0.25 -5.75
CA GLU A 14 1.81 -0.50 -4.61
C GLU A 14 2.42 0.01 -3.30
N CYS A 15 1.63 -0.04 -2.24
CA CYS A 15 2.09 0.41 -0.93
C CYS A 15 3.01 -0.62 -0.27
N SER A 16 4.20 -0.18 0.12
CA SER A 16 5.17 -1.06 0.76
C SER A 16 4.87 -1.22 2.25
N GLU A 17 3.69 -0.79 2.66
CA GLU A 17 3.28 -0.87 4.05
C GLU A 17 2.17 -1.90 4.23
N CYS A 18 1.19 -1.87 3.34
CA CYS A 18 0.06 -2.81 3.39
C CYS A 18 -0.05 -3.60 2.09
N GLY A 19 0.24 -2.93 0.97
CA GLY A 19 0.16 -3.59 -0.32
C GLY A 19 -0.86 -2.94 -1.24
N LYS A 20 -1.38 -1.78 -0.82
CA LYS A 20 -2.37 -1.06 -1.61
C LYS A 20 -1.91 -0.93 -3.06
N ALA A 21 -2.73 -0.28 -3.88
CA ALA A 21 -2.42 -0.08 -5.28
C ALA A 21 -2.90 1.28 -5.77
N PHE A 22 -2.21 1.82 -6.77
CA PHE A 22 -2.57 3.13 -7.32
C PHE A 22 -2.23 3.20 -8.80
N ILE A 23 -2.66 4.28 -9.46
CA ILE A 23 -2.40 4.47 -10.87
C ILE A 23 -1.20 5.39 -11.09
N ARG A 24 -1.07 6.41 -10.24
CA ARG A 24 0.02 7.35 -10.35
C ARG A 24 0.81 7.41 -9.04
N ASN A 25 2.14 7.40 -9.14
CA ASN A 25 3.00 7.47 -7.97
C ASN A 25 2.48 8.48 -6.96
N SER A 26 2.31 9.72 -7.42
CA SER A 26 1.83 10.79 -6.55
C SER A 26 0.67 10.30 -5.69
N GLN A 27 -0.17 9.44 -6.24
CA GLN A 27 -1.31 8.90 -5.51
C GLN A 27 -0.84 8.03 -4.35
N LEU A 28 0.13 7.17 -4.61
CA LEU A 28 0.67 6.27 -3.59
C LEU A 28 1.33 7.06 -2.47
N ILE A 29 2.30 7.90 -2.84
CA ILE A 29 3.01 8.71 -1.87
C ILE A 29 2.07 9.32 -0.85
N VAL A 30 0.99 9.92 -1.34
CA VAL A 30 -0.01 10.54 -0.46
C VAL A 30 -0.56 9.54 0.54
N HIS A 31 -0.75 8.30 0.09
CA HIS A 31 -1.27 7.24 0.95
C HIS A 31 -0.20 6.78 1.94
N GLN A 32 1.05 7.04 1.61
CA GLN A 32 2.16 6.66 2.48
C GLN A 32 2.34 7.64 3.63
N ARG A 33 1.77 8.83 3.46
CA ARG A 33 1.85 9.87 4.48
C ARG A 33 1.19 9.42 5.78
N THR A 34 0.12 8.64 5.65
CA THR A 34 -0.61 8.14 6.81
C THR A 34 0.17 7.03 7.52
N HIS A 35 0.92 6.25 6.74
CA HIS A 35 1.70 5.15 7.29
C HIS A 35 2.91 5.69 8.06
N SER A 36 3.47 6.80 7.59
CA SER A 36 4.63 7.41 8.24
C SER A 36 4.27 7.87 9.65
N GLY A 37 5.28 8.36 10.36
CA GLY A 37 5.06 8.83 11.72
C GLY A 37 5.83 8.02 12.75
N GLU A 38 5.25 7.87 13.93
CA GLU A 38 5.91 7.12 15.00
C GLU A 38 5.87 5.62 14.71
N SER A 39 4.65 5.08 14.56
CA SER A 39 4.47 3.67 14.27
C SER A 39 3.74 3.46 12.96
N GLY A 40 4.33 2.68 12.07
CA GLY A 40 3.72 2.41 10.78
C GLY A 40 4.27 1.17 10.12
N PRO A 41 5.55 1.22 9.72
CA PRO A 41 6.22 0.09 9.06
C PRO A 41 6.46 -1.07 10.02
N SER A 42 5.55 -2.03 10.02
CA SER A 42 5.66 -3.20 10.88
C SER A 42 6.20 -4.40 10.11
N SER A 43 7.52 -4.47 10.00
CA SER A 43 8.16 -5.56 9.28
C SER A 43 9.09 -6.35 10.20
N GLY A 44 9.49 -7.54 9.76
CA GLY A 44 10.36 -8.37 10.57
C GLY A 44 10.88 -9.57 9.79
N GLY A 1 -22.03 -15.52 9.40
CA GLY A 1 -21.71 -14.47 8.45
C GLY A 1 -20.88 -14.99 7.29
N SER A 2 -20.69 -14.14 6.27
CA SER A 2 -19.91 -14.52 5.11
C SER A 2 -18.54 -13.84 5.12
N SER A 3 -17.69 -14.21 4.17
CA SER A 3 -16.35 -13.64 4.08
C SER A 3 -15.82 -13.72 2.64
N GLY A 4 -15.72 -12.57 1.99
CA GLY A 4 -15.24 -12.54 0.63
C GLY A 4 -13.82 -12.00 0.53
N SER A 5 -13.12 -12.37 -0.53
CA SER A 5 -11.75 -11.92 -0.74
C SER A 5 -11.47 -11.64 -2.21
N SER A 6 -10.29 -11.10 -2.51
CA SER A 6 -9.92 -10.78 -3.87
C SER A 6 -8.41 -10.80 -4.04
N GLY A 7 -7.95 -10.93 -5.28
CA GLY A 7 -6.52 -10.96 -5.56
C GLY A 7 -6.19 -10.57 -6.98
N THR A 8 -6.84 -9.52 -7.48
CA THR A 8 -6.62 -9.05 -8.83
C THR A 8 -5.99 -7.66 -8.84
N ARG A 9 -4.66 -7.62 -8.85
CA ARG A 9 -3.94 -6.35 -8.86
C ARG A 9 -3.53 -5.97 -10.28
N GLU A 10 -3.67 -4.69 -10.60
CA GLU A 10 -3.32 -4.19 -11.92
C GLU A 10 -2.44 -2.95 -11.82
N LYS A 11 -2.79 -2.06 -10.90
CA LYS A 11 -2.04 -0.83 -10.68
C LYS A 11 -0.55 -1.13 -10.50
N PRO A 12 0.30 -0.34 -11.17
CA PRO A 12 1.76 -0.49 -11.08
C PRO A 12 2.31 -0.10 -9.73
N TYR A 13 1.73 0.96 -9.15
CA TYR A 13 2.17 1.44 -7.84
C TYR A 13 1.46 0.69 -6.71
N GLU A 14 2.24 0.25 -5.73
CA GLU A 14 1.69 -0.48 -4.59
C GLU A 14 2.26 0.04 -3.28
N CYS A 15 1.45 0.03 -2.24
CA CYS A 15 1.87 0.49 -0.92
C CYS A 15 2.80 -0.51 -0.26
N SER A 16 3.96 -0.03 0.19
CA SER A 16 4.94 -0.90 0.84
C SER A 16 4.61 -1.08 2.32
N GLU A 17 3.41 -0.64 2.71
CA GLU A 17 2.98 -0.75 4.10
C GLU A 17 1.87 -1.79 4.25
N CYS A 18 0.90 -1.74 3.33
CA CYS A 18 -0.21 -2.69 3.35
C CYS A 18 -0.26 -3.51 2.07
N GLY A 19 0.10 -2.89 0.96
CA GLY A 19 0.09 -3.57 -0.32
C GLY A 19 -0.94 -3.02 -1.27
N LYS A 20 -1.50 -1.87 -0.94
CA LYS A 20 -2.51 -1.23 -1.78
C LYS A 20 -2.01 -1.06 -3.20
N ALA A 21 -2.81 -0.39 -4.03
CA ALA A 21 -2.44 -0.14 -5.41
C ALA A 21 -2.81 1.27 -5.84
N PHE A 22 -2.07 1.81 -6.81
CA PHE A 22 -2.32 3.16 -7.30
C PHE A 22 -1.93 3.27 -8.77
N ILE A 23 -2.56 4.22 -9.47
CA ILE A 23 -2.28 4.43 -10.88
C ILE A 23 -1.00 5.23 -11.07
N ARG A 24 -0.81 6.25 -10.24
CA ARG A 24 0.37 7.10 -10.32
C ARG A 24 1.05 7.21 -8.95
N ASN A 25 2.37 7.33 -8.95
CA ASN A 25 3.14 7.44 -7.73
C ASN A 25 2.53 8.51 -6.81
N SER A 26 2.40 9.72 -7.34
CA SER A 26 1.83 10.83 -6.58
C SER A 26 0.67 10.36 -5.71
N GLN A 27 -0.12 9.44 -6.24
CA GLN A 27 -1.28 8.92 -5.52
C GLN A 27 -0.82 8.07 -4.33
N LEU A 28 0.02 7.09 -4.60
CA LEU A 28 0.52 6.20 -3.55
C LEU A 28 1.16 7.01 -2.42
N ILE A 29 2.15 7.83 -2.78
CA ILE A 29 2.85 8.66 -1.79
C ILE A 29 1.86 9.26 -0.80
N VAL A 30 0.84 9.95 -1.31
CA VAL A 30 -0.17 10.57 -0.46
C VAL A 30 -0.75 9.56 0.53
N HIS A 31 -0.88 8.31 0.09
CA HIS A 31 -1.43 7.26 0.93
C HIS A 31 -0.38 6.77 1.94
N GLN A 32 0.89 7.04 1.63
CA GLN A 32 1.98 6.64 2.50
C GLN A 32 2.20 7.64 3.62
N ARG A 33 1.77 8.88 3.38
CA ARG A 33 1.92 9.95 4.37
C ARG A 33 1.42 9.49 5.74
N THR A 34 0.29 8.79 5.74
CA THR A 34 -0.30 8.30 6.99
C THR A 34 0.51 7.13 7.55
N HIS A 35 0.97 6.26 6.66
CA HIS A 35 1.76 5.09 7.07
C HIS A 35 3.09 5.52 7.69
N SER A 36 3.64 6.61 7.19
CA SER A 36 4.91 7.13 7.68
C SER A 36 4.95 7.08 9.21
N GLY A 37 3.82 7.36 9.84
CA GLY A 37 3.75 7.35 11.29
C GLY A 37 3.79 5.94 11.85
N GLU A 38 4.24 5.81 13.10
CA GLU A 38 4.33 4.51 13.75
C GLU A 38 4.06 4.63 15.25
N SER A 39 3.21 3.75 15.76
CA SER A 39 2.86 3.76 17.17
C SER A 39 4.04 3.30 18.03
N GLY A 40 4.98 2.62 17.39
CA GLY A 40 6.15 2.13 18.11
C GLY A 40 6.34 0.63 17.94
N PRO A 41 7.08 0.02 18.88
CA PRO A 41 7.36 -1.41 18.85
C PRO A 41 6.11 -2.25 19.15
N SER A 42 5.25 -1.73 20.02
CA SER A 42 4.03 -2.43 20.39
C SER A 42 3.14 -2.65 19.17
N SER A 43 3.38 -3.76 18.47
CA SER A 43 2.60 -4.09 17.28
C SER A 43 1.76 -5.33 17.51
N GLY A 44 0.45 -5.21 17.26
CA GLY A 44 -0.45 -6.33 17.45
C GLY A 44 -0.70 -7.09 16.17
N GLY A 1 -14.29 -26.49 -11.11
CA GLY A 1 -14.92 -25.19 -11.02
C GLY A 1 -14.05 -24.17 -10.29
N SER A 2 -14.46 -23.79 -9.09
CA SER A 2 -13.72 -22.82 -8.30
C SER A 2 -13.35 -21.60 -9.14
N SER A 3 -14.30 -21.14 -9.96
CA SER A 3 -14.07 -19.99 -10.82
C SER A 3 -13.65 -18.77 -10.00
N GLY A 4 -13.12 -17.76 -10.68
CA GLY A 4 -12.69 -16.56 -10.00
C GLY A 4 -11.46 -15.94 -10.64
N SER A 5 -11.45 -15.86 -11.96
CA SER A 5 -10.32 -15.30 -12.69
C SER A 5 -10.51 -13.80 -12.91
N SER A 6 -10.70 -13.07 -11.81
CA SER A 6 -10.90 -11.63 -11.88
C SER A 6 -9.69 -10.89 -11.29
N GLY A 7 -9.02 -10.10 -12.13
CA GLY A 7 -7.86 -9.36 -11.67
C GLY A 7 -8.23 -8.00 -11.10
N THR A 8 -8.07 -7.86 -9.79
CA THR A 8 -8.39 -6.61 -9.12
C THR A 8 -7.13 -5.87 -8.69
N ARG A 9 -7.25 -4.56 -8.52
CA ARG A 9 -6.11 -3.74 -8.12
C ARG A 9 -4.90 -4.02 -8.99
N GLU A 10 -5.12 -4.06 -10.30
CA GLU A 10 -4.04 -4.32 -11.24
C GLU A 10 -3.26 -3.05 -11.56
N LYS A 11 -2.94 -2.29 -10.51
CA LYS A 11 -2.19 -1.04 -10.67
C LYS A 11 -0.70 -1.28 -10.53
N PRO A 12 0.10 -0.42 -11.18
CA PRO A 12 1.56 -0.51 -11.15
C PRO A 12 2.13 -0.15 -9.77
N TYR A 13 1.70 0.97 -9.22
CA TYR A 13 2.16 1.42 -7.93
C TYR A 13 1.49 0.63 -6.80
N GLU A 14 2.24 0.34 -5.75
CA GLU A 14 1.72 -0.41 -4.61
C GLU A 14 2.31 0.12 -3.30
N CYS A 15 1.51 0.08 -2.24
CA CYS A 15 1.96 0.54 -0.93
C CYS A 15 2.88 -0.48 -0.28
N SER A 16 4.05 -0.01 0.16
CA SER A 16 5.03 -0.88 0.80
C SER A 16 4.70 -1.08 2.28
N GLU A 17 3.50 -0.67 2.67
CA GLU A 17 3.06 -0.79 4.05
C GLU A 17 1.94 -1.81 4.18
N CYS A 18 0.94 -1.70 3.32
CA CYS A 18 -0.20 -2.62 3.33
C CYS A 18 -0.23 -3.47 2.07
N GLY A 19 0.11 -2.85 0.94
CA GLY A 19 0.12 -3.57 -0.32
C GLY A 19 -0.92 -3.05 -1.30
N LYS A 20 -1.48 -1.89 -0.99
CA LYS A 20 -2.50 -1.28 -1.83
C LYS A 20 -1.98 -1.08 -3.26
N ALA A 21 -2.78 -0.43 -4.09
CA ALA A 21 -2.39 -0.16 -5.48
C ALA A 21 -2.78 1.25 -5.89
N PHE A 22 -1.97 1.84 -6.76
CA PHE A 22 -2.22 3.20 -7.23
C PHE A 22 -1.85 3.34 -8.71
N ILE A 23 -2.56 4.20 -9.42
CA ILE A 23 -2.30 4.43 -10.83
C ILE A 23 -1.05 5.28 -11.03
N ARG A 24 -0.89 6.28 -10.18
CA ARG A 24 0.26 7.18 -10.27
C ARG A 24 0.95 7.32 -8.91
N ASN A 25 2.27 7.27 -8.91
CA ASN A 25 3.04 7.40 -7.68
C ASN A 25 2.46 8.49 -6.78
N SER A 26 2.30 9.69 -7.33
CA SER A 26 1.76 10.80 -6.58
C SER A 26 0.62 10.36 -5.68
N GLN A 27 -0.22 9.48 -6.21
CA GLN A 27 -1.36 8.96 -5.45
C GLN A 27 -0.89 8.11 -4.28
N LEU A 28 -0.05 7.12 -4.57
CA LEU A 28 0.47 6.22 -3.55
C LEU A 28 1.14 7.02 -2.44
N ILE A 29 2.15 7.80 -2.81
CA ILE A 29 2.88 8.61 -1.84
C ILE A 29 1.94 9.23 -0.82
N VAL A 30 0.90 9.89 -1.30
CA VAL A 30 -0.08 10.54 -0.44
C VAL A 30 -0.66 9.55 0.55
N HIS A 31 -0.82 8.30 0.12
CA HIS A 31 -1.38 7.26 0.98
C HIS A 31 -0.31 6.74 1.95
N GLN A 32 0.95 6.99 1.63
CA GLN A 32 2.05 6.55 2.48
C GLN A 32 2.31 7.55 3.59
N ARG A 33 1.92 8.81 3.36
CA ARG A 33 2.12 9.87 4.34
C ARG A 33 1.50 9.48 5.69
N THR A 34 0.33 8.84 5.63
CA THR A 34 -0.36 8.42 6.84
C THR A 34 0.34 7.24 7.50
N HIS A 35 0.87 6.34 6.68
CA HIS A 35 1.57 5.16 7.18
C HIS A 35 2.85 5.56 7.91
N SER A 36 3.54 6.56 7.36
CA SER A 36 4.78 7.04 7.95
C SER A 36 4.53 7.64 9.34
N GLY A 37 5.52 7.50 10.21
CA GLY A 37 5.39 8.04 11.56
C GLY A 37 5.25 6.95 12.61
N GLU A 38 4.51 5.90 12.28
CA GLU A 38 4.29 4.79 13.19
C GLU A 38 5.61 4.06 13.47
N SER A 39 5.66 3.36 14.60
CA SER A 39 6.86 2.62 14.99
C SER A 39 6.94 1.29 14.23
N GLY A 40 5.88 0.50 14.31
CA GLY A 40 5.86 -0.77 13.62
C GLY A 40 4.52 -1.48 13.75
N PRO A 41 3.57 -1.13 12.88
CA PRO A 41 2.23 -1.71 12.88
C PRO A 41 2.24 -3.17 12.43
N SER A 42 3.43 -3.70 12.16
CA SER A 42 3.57 -5.09 11.72
C SER A 42 2.52 -5.98 12.39
N SER A 43 1.87 -6.80 11.58
CA SER A 43 0.84 -7.70 12.09
C SER A 43 1.35 -9.13 12.16
N GLY A 44 0.50 -10.04 12.62
CA GLY A 44 0.89 -11.43 12.74
C GLY A 44 0.48 -12.05 14.06
N GLY A 1 -15.34 -26.83 -2.48
CA GLY A 1 -16.06 -26.68 -3.73
C GLY A 1 -15.65 -25.45 -4.50
N SER A 2 -16.47 -24.40 -4.44
CA SER A 2 -16.18 -23.16 -5.14
C SER A 2 -15.94 -22.02 -4.15
N SER A 3 -14.96 -21.18 -4.45
CA SER A 3 -14.63 -20.05 -3.59
C SER A 3 -13.90 -18.97 -4.37
N GLY A 4 -14.39 -17.74 -4.26
CA GLY A 4 -13.77 -16.62 -4.96
C GLY A 4 -13.29 -15.54 -4.02
N SER A 5 -12.01 -15.20 -4.12
CA SER A 5 -11.42 -14.17 -3.27
C SER A 5 -10.59 -13.19 -4.09
N SER A 6 -10.63 -11.92 -3.71
CA SER A 6 -9.87 -10.89 -4.41
C SER A 6 -8.48 -10.72 -3.80
N GLY A 7 -7.60 -10.06 -4.55
CA GLY A 7 -6.24 -9.84 -4.06
C GLY A 7 -5.34 -9.25 -5.13
N THR A 8 -5.15 -10.00 -6.21
CA THR A 8 -4.29 -9.54 -7.29
C THR A 8 -4.48 -8.05 -7.57
N ARG A 9 -3.38 -7.32 -7.61
CA ARG A 9 -3.43 -5.88 -7.86
C ARG A 9 -3.11 -5.57 -9.33
N GLU A 10 -3.95 -4.75 -9.95
CA GLU A 10 -3.75 -4.38 -11.34
C GLU A 10 -2.86 -3.14 -11.46
N LYS A 11 -3.09 -2.17 -10.58
CA LYS A 11 -2.31 -0.94 -10.57
C LYS A 11 -0.83 -1.24 -10.41
N PRO A 12 0.01 -0.44 -11.08
CA PRO A 12 1.47 -0.59 -11.03
C PRO A 12 2.04 -0.20 -9.66
N TYR A 13 1.62 0.96 -9.18
CA TYR A 13 2.09 1.47 -7.88
C TYR A 13 1.42 0.72 -6.73
N GLU A 14 2.23 0.25 -5.78
CA GLU A 14 1.72 -0.47 -4.63
C GLU A 14 2.34 0.03 -3.34
N CYS A 15 1.61 -0.10 -2.24
CA CYS A 15 2.10 0.34 -0.94
C CYS A 15 2.92 -0.75 -0.26
N SER A 16 4.16 -0.40 0.10
CA SER A 16 5.05 -1.35 0.75
C SER A 16 4.78 -1.41 2.25
N GLU A 17 3.59 -0.99 2.65
CA GLU A 17 3.20 -1.00 4.06
C GLU A 17 2.02 -1.93 4.29
N CYS A 18 1.04 -1.88 3.40
CA CYS A 18 -0.15 -2.72 3.51
C CYS A 18 -0.36 -3.53 2.24
N GLY A 19 -0.17 -2.87 1.09
CA GLY A 19 -0.35 -3.56 -0.19
C GLY A 19 -1.25 -2.79 -1.13
N LYS A 20 -1.66 -1.60 -0.71
CA LYS A 20 -2.53 -0.75 -1.52
C LYS A 20 -2.00 -0.64 -2.96
N ALA A 21 -2.82 -0.09 -3.84
CA ALA A 21 -2.44 0.06 -5.24
C ALA A 21 -2.79 1.46 -5.75
N PHE A 22 -2.06 1.91 -6.77
CA PHE A 22 -2.30 3.24 -7.34
C PHE A 22 -1.83 3.28 -8.79
N ILE A 23 -2.43 4.18 -9.57
CA ILE A 23 -2.08 4.33 -10.97
C ILE A 23 -0.88 5.26 -11.14
N ARG A 24 -0.78 6.26 -10.28
CA ARG A 24 0.31 7.22 -10.32
C ARG A 24 1.04 7.29 -8.98
N ASN A 25 2.36 7.40 -9.03
CA ASN A 25 3.17 7.48 -7.83
C ASN A 25 2.61 8.52 -6.85
N SER A 26 2.42 9.74 -7.36
CA SER A 26 1.90 10.82 -6.54
C SER A 26 0.71 10.35 -5.70
N GLN A 27 -0.09 9.46 -6.27
CA GLN A 27 -1.25 8.92 -5.59
C GLN A 27 -0.84 8.04 -4.41
N LEU A 28 0.06 7.09 -4.68
CA LEU A 28 0.54 6.18 -3.65
C LEU A 28 1.17 6.96 -2.49
N ILE A 29 2.15 7.80 -2.81
CA ILE A 29 2.82 8.60 -1.80
C ILE A 29 1.83 9.19 -0.81
N VAL A 30 0.77 9.79 -1.33
CA VAL A 30 -0.26 10.40 -0.51
C VAL A 30 -0.80 9.41 0.52
N HIS A 31 -0.92 8.15 0.11
CA HIS A 31 -1.43 7.11 0.99
C HIS A 31 -0.35 6.66 1.98
N GLN A 32 0.90 6.93 1.63
CA GLN A 32 2.03 6.56 2.49
C GLN A 32 2.24 7.60 3.58
N ARG A 33 1.72 8.80 3.37
CA ARG A 33 1.86 9.88 4.33
C ARG A 33 1.33 9.46 5.70
N THR A 34 0.22 8.73 5.70
CA THR A 34 -0.39 8.28 6.94
C THR A 34 0.45 7.19 7.59
N HIS A 35 1.07 6.34 6.76
CA HIS A 35 1.91 5.25 7.25
C HIS A 35 3.14 5.80 7.95
N SER A 36 3.64 6.94 7.48
CA SER A 36 4.82 7.57 8.05
C SER A 36 4.82 7.43 9.57
N GLY A 37 5.85 6.77 10.09
CA GLY A 37 5.95 6.57 11.53
C GLY A 37 6.04 7.88 12.28
N GLU A 38 7.07 8.67 11.99
CA GLU A 38 7.27 9.95 12.65
C GLU A 38 7.53 11.06 11.62
N SER A 39 6.93 12.21 11.85
CA SER A 39 7.10 13.35 10.94
C SER A 39 8.03 14.39 11.55
N GLY A 40 9.11 13.92 12.16
CA GLY A 40 10.06 14.83 12.77
C GLY A 40 11.38 14.14 13.10
N PRO A 41 12.26 14.04 12.10
CA PRO A 41 13.57 13.40 12.27
C PRO A 41 14.51 14.23 13.14
N SER A 42 15.69 13.68 13.43
CA SER A 42 16.67 14.37 14.26
C SER A 42 16.07 14.79 15.58
N SER A 43 15.27 13.90 16.17
CA SER A 43 14.63 14.17 17.45
C SER A 43 15.66 14.30 18.57
N GLY A 44 15.18 14.63 19.77
CA GLY A 44 16.08 14.78 20.90
C GLY A 44 15.39 14.54 22.23
N GLY A 1 -9.75 -24.84 -0.20
CA GLY A 1 -9.21 -23.56 0.19
C GLY A 1 -8.83 -22.70 -1.01
N SER A 2 -9.80 -22.39 -1.85
CA SER A 2 -9.56 -21.58 -3.04
C SER A 2 -10.61 -20.47 -3.17
N SER A 3 -11.88 -20.85 -3.00
CA SER A 3 -12.97 -19.90 -3.11
C SER A 3 -12.74 -18.91 -4.24
N GLY A 4 -12.27 -19.44 -5.37
CA GLY A 4 -12.01 -18.59 -6.53
C GLY A 4 -10.93 -17.56 -6.26
N SER A 5 -10.11 -17.30 -7.27
CA SER A 5 -9.03 -16.33 -7.15
C SER A 5 -9.21 -15.17 -8.11
N SER A 6 -10.07 -14.23 -7.74
CA SER A 6 -10.34 -13.06 -8.58
C SER A 6 -9.75 -11.79 -7.96
N GLY A 7 -9.84 -10.70 -8.69
CA GLY A 7 -9.31 -9.44 -8.21
C GLY A 7 -9.10 -8.42 -9.32
N THR A 8 -9.37 -7.16 -9.02
CA THR A 8 -9.22 -6.09 -10.00
C THR A 8 -8.13 -5.11 -9.59
N ARG A 9 -6.98 -5.64 -9.23
CA ARG A 9 -5.85 -4.81 -8.81
C ARG A 9 -4.66 -4.97 -9.75
N GLU A 10 -4.65 -4.19 -10.82
CA GLU A 10 -3.57 -4.25 -11.81
C GLU A 10 -2.71 -3.00 -11.75
N LYS A 11 -3.00 -2.13 -10.78
CA LYS A 11 -2.26 -0.89 -10.62
C LYS A 11 -0.76 -1.17 -10.49
N PRO A 12 0.05 -0.35 -11.19
CA PRO A 12 1.51 -0.49 -11.17
C PRO A 12 2.10 -0.09 -9.82
N TYR A 13 1.61 1.00 -9.25
CA TYR A 13 2.09 1.48 -7.96
C TYR A 13 1.45 0.72 -6.81
N GLU A 14 2.24 0.42 -5.79
CA GLU A 14 1.75 -0.31 -4.63
C GLU A 14 2.38 0.22 -3.35
N CYS A 15 1.58 0.29 -2.29
CA CYS A 15 2.05 0.79 -1.00
C CYS A 15 3.01 -0.21 -0.35
N SER A 16 4.19 0.26 0.01
CA SER A 16 5.20 -0.59 0.64
C SER A 16 4.90 -0.77 2.12
N GLU A 17 3.75 -0.27 2.55
CA GLU A 17 3.34 -0.38 3.96
C GLU A 17 2.30 -1.48 4.14
N CYS A 18 1.25 -1.43 3.33
CA CYS A 18 0.19 -2.43 3.40
C CYS A 18 0.15 -3.29 2.13
N GLY A 19 0.32 -2.64 0.99
CA GLY A 19 0.30 -3.35 -0.27
C GLY A 19 -0.75 -2.83 -1.23
N LYS A 20 -1.37 -1.71 -0.86
CA LYS A 20 -2.40 -1.10 -1.69
C LYS A 20 -1.91 -0.92 -3.13
N ALA A 21 -2.74 -0.31 -3.96
CA ALA A 21 -2.39 -0.06 -5.36
C ALA A 21 -2.74 1.35 -5.77
N PHE A 22 -2.11 1.82 -6.84
CA PHE A 22 -2.36 3.18 -7.34
C PHE A 22 -1.98 3.28 -8.82
N ILE A 23 -2.53 4.29 -9.49
CA ILE A 23 -2.25 4.49 -10.91
C ILE A 23 -1.02 5.36 -11.10
N ARG A 24 -0.85 6.35 -10.22
CA ARG A 24 0.30 7.26 -10.29
C ARG A 24 1.01 7.34 -8.93
N ASN A 25 2.33 7.37 -8.97
CA ASN A 25 3.13 7.44 -7.75
C ASN A 25 2.55 8.47 -6.78
N SER A 26 2.38 9.70 -7.27
CA SER A 26 1.85 10.77 -6.44
C SER A 26 0.66 10.29 -5.63
N GLN A 27 -0.15 9.41 -6.23
CA GLN A 27 -1.32 8.87 -5.55
C GLN A 27 -0.92 7.97 -4.40
N LEU A 28 0.06 7.11 -4.63
CA LEU A 28 0.54 6.20 -3.60
C LEU A 28 1.19 6.96 -2.45
N ILE A 29 2.20 7.76 -2.78
CA ILE A 29 2.90 8.55 -1.78
C ILE A 29 1.93 9.18 -0.78
N VAL A 30 0.89 9.82 -1.31
CA VAL A 30 -0.11 10.46 -0.47
C VAL A 30 -0.70 9.46 0.54
N HIS A 31 -0.89 8.23 0.09
CA HIS A 31 -1.44 7.19 0.95
C HIS A 31 -0.40 6.70 1.95
N GLN A 32 0.87 6.94 1.64
CA GLN A 32 1.97 6.52 2.51
C GLN A 32 2.21 7.54 3.61
N ARG A 33 1.83 8.79 3.35
CA ARG A 33 2.01 9.87 4.30
C ARG A 33 1.45 9.48 5.66
N THR A 34 0.29 8.82 5.66
CA THR A 34 -0.36 8.40 6.89
C THR A 34 0.42 7.27 7.56
N HIS A 35 0.96 6.37 6.75
CA HIS A 35 1.73 5.25 7.27
C HIS A 35 2.98 5.74 8.00
N SER A 36 3.60 6.80 7.46
CA SER A 36 4.80 7.36 8.06
C SER A 36 4.52 7.89 9.46
N GLY A 37 5.55 7.89 10.31
CA GLY A 37 5.40 8.37 11.66
C GLY A 37 6.30 7.66 12.64
N GLU A 38 7.48 8.24 12.89
CA GLU A 38 8.44 7.66 13.81
C GLU A 38 8.63 6.17 13.52
N SER A 39 8.69 5.82 12.24
CA SER A 39 8.86 4.43 11.83
C SER A 39 10.34 4.04 11.79
N GLY A 40 11.12 4.85 11.09
CA GLY A 40 12.55 4.58 10.98
C GLY A 40 13.40 5.74 11.46
N PRO A 41 14.66 5.80 11.00
CA PRO A 41 15.59 6.86 11.37
C PRO A 41 15.21 8.21 10.78
N SER A 42 14.10 8.23 10.04
CA SER A 42 13.63 9.46 9.41
C SER A 42 13.37 10.54 10.46
N SER A 43 13.67 11.79 10.10
CA SER A 43 13.48 12.91 11.00
C SER A 43 12.10 12.84 11.67
N GLY A 44 12.05 13.18 12.95
CA GLY A 44 10.79 13.15 13.67
C GLY A 44 10.75 14.15 14.81
N GLY A 1 -18.54 -16.15 2.71
CA GLY A 1 -17.18 -15.80 2.34
C GLY A 1 -17.06 -15.41 0.87
N SER A 2 -15.90 -14.89 0.49
CA SER A 2 -15.66 -14.47 -0.89
C SER A 2 -14.19 -14.20 -1.13
N SER A 3 -13.76 -14.35 -2.39
CA SER A 3 -12.37 -14.13 -2.75
C SER A 3 -12.07 -12.63 -2.84
N GLY A 4 -12.81 -11.93 -3.67
CA GLY A 4 -12.61 -10.50 -3.83
C GLY A 4 -11.31 -10.17 -4.54
N SER A 5 -11.20 -10.56 -5.81
CA SER A 5 -10.00 -10.31 -6.58
C SER A 5 -10.22 -10.65 -8.05
N SER A 6 -9.63 -9.84 -8.93
CA SER A 6 -9.77 -10.04 -10.36
C SER A 6 -8.78 -11.10 -10.86
N GLY A 7 -7.53 -10.97 -10.46
CA GLY A 7 -6.50 -11.92 -10.87
C GLY A 7 -5.12 -11.49 -10.45
N THR A 8 -4.36 -10.92 -11.39
CA THR A 8 -3.01 -10.47 -11.11
C THR A 8 -2.96 -8.96 -10.88
N ARG A 9 -1.90 -8.50 -10.21
CA ARG A 9 -1.74 -7.08 -9.93
C ARG A 9 -2.06 -6.24 -11.17
N GLU A 10 -2.91 -5.23 -10.99
CA GLU A 10 -3.29 -4.36 -12.10
C GLU A 10 -2.57 -3.02 -12.01
N LYS A 11 -2.55 -2.44 -10.80
CA LYS A 11 -1.88 -1.16 -10.58
C LYS A 11 -0.40 -1.36 -10.31
N PRO A 12 0.43 -0.53 -10.95
CA PRO A 12 1.90 -0.59 -10.79
C PRO A 12 2.34 -0.14 -9.39
N TYR A 13 1.85 1.02 -8.97
CA TYR A 13 2.20 1.56 -7.66
C TYR A 13 1.48 0.81 -6.55
N GLU A 14 2.24 0.31 -5.58
CA GLU A 14 1.67 -0.41 -4.46
C GLU A 14 2.25 0.07 -3.13
N CYS A 15 1.41 0.10 -2.10
CA CYS A 15 1.84 0.55 -0.78
C CYS A 15 2.73 -0.50 -0.11
N SER A 16 3.92 -0.07 0.31
CA SER A 16 4.86 -0.98 0.97
C SER A 16 4.52 -1.14 2.45
N GLU A 17 3.30 -0.78 2.81
CA GLU A 17 2.85 -0.87 4.20
C GLU A 17 1.69 -1.88 4.32
N CYS A 18 0.69 -1.72 3.47
CA CYS A 18 -0.47 -2.60 3.49
C CYS A 18 -0.55 -3.43 2.20
N GLY A 19 -0.19 -2.80 1.09
CA GLY A 19 -0.23 -3.48 -0.19
C GLY A 19 -1.19 -2.84 -1.18
N LYS A 20 -1.71 -1.67 -0.82
CA LYS A 20 -2.63 -0.94 -1.66
C LYS A 20 -2.10 -0.83 -3.09
N ALA A 21 -2.89 -0.23 -3.97
CA ALA A 21 -2.49 -0.05 -5.36
C ALA A 21 -2.90 1.32 -5.88
N PHE A 22 -2.16 1.81 -6.88
CA PHE A 22 -2.45 3.12 -7.46
C PHE A 22 -1.99 3.17 -8.91
N ILE A 23 -2.37 4.24 -9.60
CA ILE A 23 -2.00 4.42 -11.00
C ILE A 23 -0.77 5.32 -11.15
N ARG A 24 -0.73 6.37 -10.34
CA ARG A 24 0.39 7.30 -10.36
C ARG A 24 1.06 7.39 -9.00
N ASN A 25 2.39 7.40 -9.00
CA ASN A 25 3.16 7.48 -7.76
C ASN A 25 2.55 8.51 -6.81
N SER A 26 2.38 9.73 -7.32
CA SER A 26 1.81 10.81 -6.51
C SER A 26 0.68 10.29 -5.63
N GLN A 27 -0.13 9.41 -6.18
CA GLN A 27 -1.25 8.85 -5.44
C GLN A 27 -0.76 8.00 -4.27
N LEU A 28 0.15 7.07 -4.55
CA LEU A 28 0.70 6.21 -3.51
C LEU A 28 1.29 7.03 -2.37
N ILE A 29 2.21 7.92 -2.70
CA ILE A 29 2.85 8.77 -1.70
C ILE A 29 1.82 9.36 -0.74
N VAL A 30 0.76 9.94 -1.31
CA VAL A 30 -0.29 10.54 -0.50
C VAL A 30 -0.87 9.53 0.49
N HIS A 31 -0.93 8.27 0.07
CA HIS A 31 -1.47 7.21 0.92
C HIS A 31 -0.40 6.70 1.89
N GLN A 32 0.87 6.98 1.56
CA GLN A 32 1.98 6.55 2.40
C GLN A 32 2.26 7.57 3.50
N ARG A 33 1.78 8.80 3.30
CA ARG A 33 1.99 9.86 4.27
C ARG A 33 1.44 9.46 5.63
N THR A 34 0.32 8.73 5.63
CA THR A 34 -0.31 8.29 6.87
C THR A 34 0.41 7.08 7.44
N HIS A 35 1.07 6.32 6.57
CA HIS A 35 1.81 5.13 7.00
C HIS A 35 3.18 5.50 7.56
N SER A 36 3.39 6.80 7.78
CA SER A 36 4.65 7.28 8.32
C SER A 36 4.72 7.08 9.82
N GLY A 37 3.64 7.45 10.51
CA GLY A 37 3.59 7.30 11.96
C GLY A 37 2.92 6.02 12.38
N GLU A 38 3.68 4.92 12.41
CA GLU A 38 3.15 3.62 12.80
C GLU A 38 3.87 3.09 14.03
N SER A 39 3.09 2.57 14.99
CA SER A 39 3.66 2.02 16.21
C SER A 39 4.43 0.74 15.93
N GLY A 40 5.75 0.87 15.78
CA GLY A 40 6.58 -0.29 15.50
C GLY A 40 7.95 0.09 15.00
N PRO A 41 8.99 -0.60 15.51
CA PRO A 41 10.38 -0.35 15.12
C PRO A 41 10.67 -0.77 13.69
N SER A 42 10.43 0.13 12.73
CA SER A 42 10.67 -0.15 11.32
C SER A 42 11.86 0.64 10.81
N SER A 43 12.82 -0.07 10.22
CA SER A 43 14.01 0.57 9.67
C SER A 43 14.02 0.50 8.15
N GLY A 44 13.97 -0.72 7.62
CA GLY A 44 13.98 -0.90 6.19
C GLY A 44 13.12 0.13 5.46
#